data_2LI8
#
_entry.id   2LI8
#
loop_
_entity.id
_entity.type
_entity.pdbx_description
1 polymer 'Protein lin-28 homolog A'
2 polymer "RNA (5'-R(*AP*GP*GP*AP*GP*AP*U)-3')"
3 non-polymer 'ZINC ION'
#
loop_
_entity_poly.entity_id
_entity_poly.type
_entity_poly.pdbx_seq_one_letter_code
_entity_poly.pdbx_strand_id
1 'polypeptide(L)' SSGLVPRGSHMPKGKSMQKRRSKGDRCYNCGGLDHHAKECKLPPQPKKCHFCQSISHMVASCPLKAQQGPSAQG A
2 'polyribonucleotide' AGGAGAU B
#
# COMPACT_ATOMS: atom_id res chain seq x y z
N PRO A 12 -1.72 -1.97 13.66
CA PRO A 12 -1.98 -1.73 12.22
C PRO A 12 -3.43 -1.35 11.95
N LYS A 13 -3.63 -0.28 11.17
CA LYS A 13 -4.96 0.20 10.81
C LYS A 13 -4.93 0.95 9.49
N GLY A 14 -6.10 1.12 8.87
CA GLY A 14 -6.22 1.75 7.57
C GLY A 14 -7.66 1.75 7.09
N LYS A 15 -7.83 1.86 5.76
CA LYS A 15 -9.13 1.82 5.10
C LYS A 15 -9.02 1.02 3.81
N SER A 16 -10.15 0.76 3.17
CA SER A 16 -10.17 -0.05 1.96
C SER A 16 -9.43 0.66 0.83
N MET A 17 -8.65 -0.12 0.07
CA MET A 17 -7.97 0.35 -1.12
C MET A 17 -7.64 -0.84 -2.01
N GLN A 18 -7.19 -0.56 -3.23
CA GLN A 18 -6.89 -1.58 -4.23
C GLN A 18 -5.70 -1.14 -5.06
N LYS A 19 -5.17 -2.04 -5.90
CA LYS A 19 -4.13 -1.69 -6.85
C LYS A 19 -4.71 -0.69 -7.84
N ARG A 20 -4.35 0.59 -7.68
CA ARG A 20 -4.88 1.68 -8.49
C ARG A 20 -3.74 2.62 -8.87
N ARG A 21 -4.07 3.74 -9.52
CA ARG A 21 -3.08 4.72 -9.97
C ARG A 21 -3.65 6.13 -9.82
N SER A 22 -2.78 7.14 -9.93
CA SER A 22 -3.19 8.53 -9.81
C SER A 22 -3.90 8.80 -8.48
N LYS A 23 -4.86 9.73 -8.49
CA LYS A 23 -5.65 10.08 -7.32
C LYS A 23 -6.22 8.85 -6.64
N GLY A 24 -6.26 8.88 -5.31
CA GLY A 24 -6.75 7.79 -4.50
C GLY A 24 -5.60 7.03 -3.85
N ASP A 25 -4.37 7.33 -4.27
CA ASP A 25 -3.16 6.74 -3.71
C ASP A 25 -2.08 7.83 -3.60
N ARG A 26 -0.87 7.46 -3.15
CA ARG A 26 0.19 8.41 -2.84
C ARG A 26 1.49 7.99 -3.49
N CYS A 27 2.53 8.81 -3.32
CA CYS A 27 3.90 8.54 -3.74
C CYS A 27 4.26 7.10 -3.36
N TYR A 28 4.50 6.28 -4.38
CA TYR A 28 4.85 4.88 -4.23
C TYR A 28 6.23 4.67 -3.60
N ASN A 29 6.88 5.74 -3.15
CA ASN A 29 8.20 5.64 -2.57
C ASN A 29 8.19 6.09 -1.11
N CYS A 30 7.46 7.15 -0.78
CA CYS A 30 7.51 7.70 0.57
C CYS A 30 6.14 7.69 1.23
N GLY A 31 5.10 7.96 0.44
CA GLY A 31 3.74 7.94 0.93
C GLY A 31 3.15 9.34 1.00
N GLY A 32 3.74 10.31 0.30
CA GLY A 32 3.21 11.66 0.25
C GLY A 32 2.22 11.85 -0.90
N LEU A 33 1.44 12.92 -0.87
CA LEU A 33 0.32 13.11 -1.77
C LEU A 33 0.55 14.30 -2.71
N ASP A 34 1.43 15.20 -2.32
CA ASP A 34 1.75 16.38 -3.09
C ASP A 34 2.66 16.03 -4.29
N HIS A 35 3.04 14.76 -4.41
CA HIS A 35 3.93 14.30 -5.48
C HIS A 35 3.76 12.80 -5.73
N HIS A 36 4.64 12.23 -6.56
CA HIS A 36 4.67 10.80 -6.86
C HIS A 36 6.09 10.27 -6.70
N ALA A 37 6.26 8.95 -6.75
CA ALA A 37 7.55 8.31 -6.49
C ALA A 37 8.68 8.80 -7.41
N LYS A 38 8.34 9.43 -8.53
CA LYS A 38 9.31 9.91 -9.51
C LYS A 38 9.63 11.39 -9.28
N GLU A 39 8.90 12.02 -8.38
CA GLU A 39 9.13 13.39 -7.96
C GLU A 39 9.39 13.48 -6.46
N CYS A 40 9.53 12.33 -5.80
CA CYS A 40 9.88 12.27 -4.39
C CYS A 40 11.19 13.01 -4.14
N LYS A 41 11.47 13.33 -2.88
CA LYS A 41 12.59 14.18 -2.51
C LYS A 41 13.56 13.50 -1.55
N LEU A 42 13.30 12.22 -1.30
CA LEU A 42 14.15 11.35 -0.50
C LEU A 42 14.64 10.19 -1.37
N PRO A 43 15.62 9.41 -0.92
CA PRO A 43 16.18 8.32 -1.69
C PRO A 43 15.14 7.23 -1.94
N PRO A 44 15.44 6.28 -2.82
CA PRO A 44 14.53 5.21 -3.19
C PRO A 44 14.31 4.27 -2.02
N GLN A 45 13.19 4.49 -1.33
CA GLN A 45 12.78 3.70 -0.18
C GLN A 45 12.30 2.33 -0.63
N PRO A 46 12.21 1.38 0.30
CA PRO A 46 11.53 0.13 0.08
C PRO A 46 10.04 0.38 0.23
N LYS A 47 9.26 -0.16 -0.70
CA LYS A 47 7.82 -0.10 -0.62
C LYS A 47 7.38 -1.10 0.44
N LYS A 48 6.37 -0.74 1.20
CA LYS A 48 5.92 -1.51 2.36
C LYS A 48 4.51 -2.04 2.13
N CYS A 49 4.16 -3.06 2.92
CA CYS A 49 2.82 -3.58 2.99
C CYS A 49 1.84 -2.43 3.25
N HIS A 50 0.86 -2.26 2.38
CA HIS A 50 -0.18 -1.24 2.52
C HIS A 50 -1.09 -1.54 3.70
N PHE A 51 -0.71 -2.50 4.56
CA PHE A 51 -1.59 -3.01 5.58
C PHE A 51 -0.93 -3.07 6.97
N CYS A 52 0.37 -3.34 7.01
CA CYS A 52 1.11 -3.33 8.27
C CYS A 52 2.46 -2.61 8.13
N GLN A 53 2.71 -2.05 6.94
CA GLN A 53 3.93 -1.35 6.57
C GLN A 53 5.20 -2.20 6.75
N SER A 54 5.05 -3.53 6.71
CA SER A 54 6.18 -4.44 6.79
C SER A 54 6.75 -4.69 5.40
N ILE A 55 7.97 -4.21 5.13
CA ILE A 55 8.70 -4.48 3.89
C ILE A 55 8.97 -5.97 3.71
N SER A 56 8.94 -6.73 4.81
CA SER A 56 9.09 -8.16 4.81
C SER A 56 8.24 -8.79 3.70
N HIS A 57 6.97 -8.39 3.63
CA HIS A 57 6.00 -8.91 2.69
C HIS A 57 5.24 -7.75 2.05
N MET A 58 4.13 -8.07 1.39
CA MET A 58 3.25 -7.09 0.79
C MET A 58 1.85 -7.33 1.34
N VAL A 59 0.95 -6.36 1.19
CA VAL A 59 -0.44 -6.56 1.57
C VAL A 59 -0.99 -7.76 0.83
N ALA A 60 -0.35 -8.08 -0.29
CA ALA A 60 -0.73 -9.22 -1.10
C ALA A 60 -0.52 -10.53 -0.35
N SER A 61 0.13 -10.43 0.81
CA SER A 61 0.48 -11.57 1.65
C SER A 61 0.44 -11.20 3.12
N CYS A 62 -0.14 -10.04 3.46
CA CYS A 62 -0.12 -9.60 4.85
C CYS A 62 -0.63 -10.71 5.77
N PRO A 63 0.10 -11.02 6.85
CA PRO A 63 -0.31 -12.03 7.80
C PRO A 63 -1.47 -11.53 8.64
N LEU A 64 -1.75 -10.23 8.59
CA LEU A 64 -2.85 -9.66 9.36
C LEU A 64 -4.15 -9.80 8.59
N LYS A 65 -4.19 -9.30 7.35
CA LYS A 65 -5.43 -9.29 6.57
C LYS A 65 -6.06 -10.67 6.47
N ALA A 66 -5.25 -11.72 6.65
CA ALA A 66 -5.72 -13.08 6.60
C ALA A 66 -6.84 -13.33 7.60
N GLN A 67 -6.97 -12.46 8.59
CA GLN A 67 -7.99 -12.54 9.62
C GLN A 67 -8.52 -11.14 9.97
N GLN A 68 -8.29 -10.17 9.08
CA GLN A 68 -8.79 -8.81 9.25
C GLN A 68 -9.62 -8.37 8.05
N GLY A 69 -9.41 -9.00 6.89
CA GLY A 69 -10.14 -8.67 5.67
C GLY A 69 -9.71 -9.58 4.52
N PRO A 70 -9.81 -10.91 4.69
CA PRO A 70 -9.35 -11.87 3.70
C PRO A 70 -10.23 -11.90 2.45
N SER A 71 -11.37 -11.21 2.47
CA SER A 71 -12.31 -11.11 1.35
C SER A 71 -12.66 -12.48 0.75
N ALA A 72 -13.32 -12.45 -0.41
CA ALA A 72 -13.71 -13.65 -1.14
C ALA A 72 -13.75 -13.38 -2.65
N GLN A 73 -13.17 -12.26 -3.08
CA GLN A 73 -13.15 -11.89 -4.49
C GLN A 73 -11.88 -11.11 -4.81
N GLY A 74 -11.41 -11.22 -6.05
CA GLY A 74 -10.20 -10.53 -6.51
C GLY A 74 -10.03 -10.67 -8.01
N PRO A 12 0.62 3.80 7.10
CA PRO A 12 -0.34 3.60 6.00
C PRO A 12 -1.34 2.49 6.30
N LYS A 13 -2.63 2.80 6.19
CA LYS A 13 -3.72 1.86 6.43
C LYS A 13 -4.86 2.17 5.46
N GLY A 14 -5.88 1.31 5.43
CA GLY A 14 -7.00 1.49 4.53
C GLY A 14 -8.01 0.34 4.64
N LYS A 15 -9.06 0.40 3.81
CA LYS A 15 -10.13 -0.57 3.75
C LYS A 15 -10.52 -0.82 2.30
N SER A 16 -11.63 -1.53 2.07
CA SER A 16 -12.11 -1.81 0.72
C SER A 16 -12.42 -0.52 -0.02
N MET A 17 -12.50 -0.60 -1.35
CA MET A 17 -12.77 0.54 -2.21
C MET A 17 -14.16 1.10 -1.98
N GLN A 18 -14.53 2.13 -2.74
CA GLN A 18 -15.78 2.85 -2.56
C GLN A 18 -16.55 2.90 -3.88
N LYS A 19 -17.62 3.70 -3.96
CA LYS A 19 -18.35 3.91 -5.20
C LYS A 19 -17.40 4.43 -6.29
N ARG A 20 -16.25 4.96 -5.88
CA ARG A 20 -15.19 5.44 -6.77
C ARG A 20 -13.84 5.00 -6.21
N ARG A 21 -12.75 5.52 -6.76
CA ARG A 21 -11.40 5.08 -6.40
C ARG A 21 -10.49 6.28 -6.17
N SER A 22 -9.25 6.03 -5.71
CA SER A 22 -8.35 7.09 -5.25
C SER A 22 -6.89 6.82 -5.62
N LYS A 23 -6.66 5.94 -6.60
CA LYS A 23 -5.37 5.64 -7.26
C LYS A 23 -5.03 4.16 -7.15
N GLY A 24 -5.57 3.48 -6.13
CA GLY A 24 -5.33 2.06 -5.89
C GLY A 24 -3.97 1.79 -5.25
N ASP A 25 -2.97 2.64 -5.51
CA ASP A 25 -1.65 2.53 -4.93
C ASP A 25 -1.12 3.93 -4.57
N ARG A 26 0.15 4.03 -4.18
CA ARG A 26 0.77 5.28 -3.73
C ARG A 26 2.15 5.46 -4.36
N CYS A 27 2.80 6.59 -4.08
CA CYS A 27 4.17 6.90 -4.53
C CYS A 27 5.04 5.66 -4.35
N TYR A 28 5.45 5.07 -5.47
CA TYR A 28 6.27 3.87 -5.48
C TYR A 28 7.71 4.14 -5.02
N ASN A 29 7.97 5.32 -4.46
CA ASN A 29 9.30 5.65 -3.98
C ASN A 29 9.29 5.92 -2.47
N CYS A 30 8.20 6.45 -1.91
CA CYS A 30 8.11 6.71 -0.48
C CYS A 30 6.90 6.01 0.14
N GLY A 31 5.77 6.06 -0.57
CA GLY A 31 4.50 5.52 -0.08
C GLY A 31 3.50 6.63 0.25
N GLY A 32 3.69 7.83 -0.31
CA GLY A 32 2.80 8.96 -0.14
C GLY A 32 1.69 8.97 -1.17
N LEU A 33 0.67 9.81 -0.98
CA LEU A 33 -0.51 9.83 -1.84
C LEU A 33 -0.66 11.17 -2.54
N ASP A 34 -0.10 12.23 -1.95
CA ASP A 34 -0.21 13.57 -2.47
C ASP A 34 0.69 13.78 -3.69
N HIS A 35 1.42 12.73 -4.08
CA HIS A 35 2.38 12.80 -5.16
C HIS A 35 2.70 11.39 -5.67
N HIS A 36 3.69 11.28 -6.56
CA HIS A 36 4.11 10.02 -7.14
C HIS A 36 5.63 9.88 -7.07
N ALA A 37 6.15 8.68 -7.39
CA ALA A 37 7.56 8.36 -7.27
C ALA A 37 8.46 9.29 -8.08
N LYS A 38 7.89 9.94 -9.11
CA LYS A 38 8.60 10.88 -9.96
C LYS A 38 8.58 12.29 -9.38
N GLU A 39 7.64 12.53 -8.47
CA GLU A 39 7.49 13.80 -7.78
C GLU A 39 8.02 13.73 -6.35
N CYS A 40 8.42 12.52 -5.93
CA CYS A 40 8.96 12.27 -4.60
C CYS A 40 10.19 13.14 -4.33
N LYS A 41 10.58 13.24 -3.06
CA LYS A 41 11.65 14.13 -2.64
C LYS A 41 12.70 13.45 -1.78
N LEU A 42 12.53 12.15 -1.53
CA LEU A 42 13.47 11.36 -0.74
C LEU A 42 14.04 10.22 -1.60
N PRO A 43 15.12 9.57 -1.15
CA PRO A 43 15.74 8.47 -1.87
C PRO A 43 14.79 7.27 -1.91
N PRO A 44 15.07 6.25 -2.74
CA PRO A 44 14.15 5.16 -2.95
C PRO A 44 13.96 4.32 -1.69
N GLN A 45 12.84 4.56 -0.98
CA GLN A 45 12.51 3.82 0.22
C GLN A 45 12.05 2.42 -0.14
N PRO A 46 12.12 1.48 0.81
CA PRO A 46 11.57 0.15 0.61
C PRO A 46 10.05 0.26 0.75
N LYS A 47 9.34 -0.23 -0.26
CA LYS A 47 7.89 -0.16 -0.29
C LYS A 47 7.31 -1.16 0.70
N LYS A 48 6.89 -0.66 1.85
CA LYS A 48 6.35 -1.47 2.93
C LYS A 48 4.93 -1.94 2.61
N CYS A 49 4.50 -2.98 3.33
CA CYS A 49 3.12 -3.45 3.32
C CYS A 49 2.20 -2.27 3.66
N HIS A 50 1.20 -2.01 2.81
CA HIS A 50 0.23 -0.94 2.99
C HIS A 50 -0.69 -1.23 4.18
N PHE A 51 -0.39 -2.28 4.96
CA PHE A 51 -1.32 -2.78 5.96
C PHE A 51 -0.69 -2.98 7.32
N CYS A 52 0.60 -3.32 7.36
CA CYS A 52 1.34 -3.47 8.61
C CYS A 52 2.72 -2.81 8.53
N GLN A 53 2.97 -2.11 7.42
CA GLN A 53 4.25 -1.47 7.11
C GLN A 53 5.45 -2.42 7.20
N SER A 54 5.23 -3.72 7.00
CA SER A 54 6.33 -4.68 6.94
C SER A 54 6.86 -4.77 5.51
N ILE A 55 8.13 -4.40 5.32
CA ILE A 55 8.81 -4.56 4.03
C ILE A 55 9.06 -6.02 3.69
N SER A 56 9.01 -6.89 4.70
CA SER A 56 9.15 -8.33 4.56
C SER A 56 8.23 -8.84 3.47
N HIS A 57 6.97 -8.41 3.51
CA HIS A 57 5.93 -8.81 2.57
C HIS A 57 5.23 -7.58 2.02
N MET A 58 4.07 -7.78 1.41
CA MET A 58 3.26 -6.72 0.86
C MET A 58 1.84 -6.89 1.39
N VAL A 59 1.01 -5.85 1.30
CA VAL A 59 -0.39 -5.99 1.66
C VAL A 59 -1.02 -7.10 0.83
N ALA A 60 -0.37 -7.40 -0.30
CA ALA A 60 -0.83 -8.44 -1.19
C ALA A 60 -0.73 -9.81 -0.52
N SER A 61 -0.06 -9.85 0.63
CA SER A 61 0.17 -11.07 1.38
C SER A 61 0.15 -10.81 2.88
N CYS A 62 -0.34 -9.64 3.30
CA CYS A 62 -0.29 -9.29 4.72
C CYS A 62 -0.88 -10.42 5.57
N PRO A 63 -0.18 -10.84 6.63
CA PRO A 63 -0.65 -11.90 7.50
C PRO A 63 -1.80 -11.40 8.37
N LEU A 64 -2.00 -10.07 8.43
CA LEU A 64 -3.06 -9.49 9.23
C LEU A 64 -4.37 -9.52 8.45
N LYS A 65 -4.38 -8.97 7.25
CA LYS A 65 -5.61 -8.84 6.47
C LYS A 65 -6.30 -10.18 6.30
N ALA A 66 -5.58 -11.29 6.55
CA ALA A 66 -6.11 -12.62 6.42
C ALA A 66 -7.33 -12.83 7.31
N GLN A 67 -7.50 -11.96 8.32
CA GLN A 67 -8.64 -12.01 9.21
C GLN A 67 -9.14 -10.60 9.54
N GLN A 68 -8.71 -9.62 8.73
CA GLN A 68 -9.11 -8.22 8.91
C GLN A 68 -9.71 -7.66 7.62
N GLY A 69 -9.48 -8.35 6.50
CA GLY A 69 -10.00 -7.97 5.20
C GLY A 69 -9.36 -8.83 4.12
N PRO A 70 -9.83 -10.09 3.98
CA PRO A 70 -9.31 -11.06 3.02
C PRO A 70 -9.23 -10.50 1.60
N SER A 71 -9.95 -9.41 1.32
CA SER A 71 -9.89 -8.70 0.06
C SER A 71 -10.25 -7.23 0.30
N ALA A 72 -9.95 -6.36 -0.65
CA ALA A 72 -10.24 -4.93 -0.54
C ALA A 72 -10.57 -4.31 -1.89
N GLN A 73 -10.55 -5.10 -2.96
CA GLN A 73 -10.89 -4.64 -4.30
C GLN A 73 -12.38 -4.36 -4.37
N GLY A 74 -12.79 -3.47 -5.29
CA GLY A 74 -14.19 -3.10 -5.46
C GLY A 74 -14.34 -2.08 -6.58
N PRO A 12 0.31 -1.42 13.26
CA PRO A 12 -0.30 -1.82 11.98
C PRO A 12 -1.55 -1.02 11.65
N LYS A 13 -1.59 -0.42 10.45
CA LYS A 13 -2.74 0.30 9.95
C LYS A 13 -2.92 0.00 8.47
N GLY A 14 -4.14 0.19 7.97
CA GLY A 14 -4.51 -0.22 6.62
C GLY A 14 -5.35 0.81 5.87
N LYS A 15 -5.95 0.35 4.77
CA LYS A 15 -6.72 1.14 3.82
C LYS A 15 -5.97 2.40 3.36
N SER A 16 -6.67 3.27 2.62
CA SER A 16 -6.09 4.50 2.10
C SER A 16 -7.15 5.58 1.98
N MET A 17 -6.75 6.75 1.48
CA MET A 17 -7.63 7.88 1.24
C MET A 17 -7.10 8.63 0.03
N GLN A 18 -8.02 9.11 -0.81
CA GLN A 18 -7.65 9.76 -2.06
C GLN A 18 -7.00 11.11 -1.80
N LYS A 19 -6.19 11.54 -2.77
CA LYS A 19 -5.51 12.84 -2.74
C LYS A 19 -5.35 13.36 -4.17
N ARG A 20 -5.73 12.53 -5.13
CA ARG A 20 -5.77 12.82 -6.56
C ARG A 20 -6.97 12.08 -7.15
N ARG A 21 -7.25 12.28 -8.43
CA ARG A 21 -8.37 11.64 -9.14
C ARG A 21 -8.09 10.16 -9.41
N SER A 22 -7.38 9.49 -8.50
CA SER A 22 -6.92 8.13 -8.68
C SER A 22 -7.47 7.19 -7.62
N LYS A 23 -7.20 5.89 -7.79
CA LYS A 23 -7.75 4.82 -6.96
C LYS A 23 -7.29 4.87 -5.50
N GLY A 24 -6.29 5.69 -5.17
CA GLY A 24 -5.86 5.87 -3.79
C GLY A 24 -4.50 5.23 -3.49
N ASP A 25 -3.81 4.73 -4.52
CA ASP A 25 -2.47 4.17 -4.38
C ASP A 25 -1.47 5.25 -3.96
N ARG A 26 -0.22 4.85 -3.70
CA ARG A 26 0.78 5.75 -3.18
C ARG A 26 2.10 5.65 -3.93
N CYS A 27 2.92 6.69 -3.80
CA CYS A 27 4.26 6.80 -4.35
C CYS A 27 5.07 5.54 -4.04
N TYR A 28 5.44 4.81 -5.09
CA TYR A 28 6.19 3.58 -4.98
C TYR A 28 7.63 3.83 -4.49
N ASN A 29 7.97 5.07 -4.14
CA ASN A 29 9.32 5.42 -3.74
C ASN A 29 9.39 5.92 -2.30
N CYS A 30 8.35 6.56 -1.79
CA CYS A 30 8.33 7.02 -0.40
C CYS A 30 7.16 6.43 0.37
N GLY A 31 6.01 6.39 -0.29
CA GLY A 31 4.76 5.93 0.30
C GLY A 31 3.78 7.09 0.51
N GLY A 32 4.00 8.22 -0.18
CA GLY A 32 3.11 9.36 -0.13
C GLY A 32 1.91 9.15 -1.05
N LEU A 33 0.87 9.96 -0.90
CA LEU A 33 -0.37 9.77 -1.65
C LEU A 33 -0.63 10.99 -2.54
N ASP A 34 -0.02 12.11 -2.19
CA ASP A 34 -0.19 13.37 -2.90
C ASP A 34 0.70 13.43 -4.15
N HIS A 35 1.49 12.38 -4.40
CA HIS A 35 2.42 12.36 -5.54
C HIS A 35 2.76 10.92 -5.94
N HIS A 36 3.74 10.76 -6.83
CA HIS A 36 4.19 9.46 -7.32
C HIS A 36 5.70 9.33 -7.22
N ALA A 37 6.21 8.12 -7.43
CA ALA A 37 7.62 7.79 -7.29
C ALA A 37 8.50 8.61 -8.23
N LYS A 38 7.94 9.09 -9.34
CA LYS A 38 8.65 9.93 -10.29
C LYS A 38 8.64 11.39 -9.88
N GLU A 39 7.70 11.74 -8.99
CA GLU A 39 7.58 13.09 -8.44
C GLU A 39 8.24 13.18 -7.07
N CYS A 40 8.65 12.04 -6.53
CA CYS A 40 9.23 11.93 -5.21
C CYS A 40 10.53 12.73 -5.09
N LYS A 41 10.96 12.96 -3.85
CA LYS A 41 12.08 13.86 -3.56
C LYS A 41 13.09 13.26 -2.60
N LEU A 42 12.87 12.02 -2.18
CA LEU A 42 13.82 11.27 -1.36
C LEU A 42 14.27 10.02 -2.11
N PRO A 43 15.35 9.35 -1.66
CA PRO A 43 15.87 8.15 -2.31
C PRO A 43 14.85 7.02 -2.19
N PRO A 44 15.02 5.91 -2.92
CA PRO A 44 14.03 4.85 -2.98
C PRO A 44 13.85 4.17 -1.63
N GLN A 45 12.82 4.58 -0.88
CA GLN A 45 12.47 3.95 0.37
C GLN A 45 11.89 2.58 0.06
N PRO A 46 11.95 1.66 1.02
CA PRO A 46 11.35 0.35 0.84
C PRO A 46 9.85 0.47 0.98
N LYS A 47 9.13 -0.01 -0.04
CA LYS A 47 7.67 0.04 -0.05
C LYS A 47 7.16 -1.00 0.95
N LYS A 48 6.70 -0.53 2.09
CA LYS A 48 6.18 -1.39 3.15
C LYS A 48 4.79 -1.88 2.79
N CYS A 49 4.35 -2.91 3.50
CA CYS A 49 2.98 -3.39 3.45
C CYS A 49 2.04 -2.25 3.86
N HIS A 50 1.07 -1.90 3.01
CA HIS A 50 0.09 -0.87 3.28
C HIS A 50 -0.86 -1.30 4.41
N PHE A 51 -0.53 -2.37 5.14
CA PHE A 51 -1.43 -2.97 6.10
C PHE A 51 -0.78 -3.23 7.45
N CYS A 52 0.51 -3.57 7.46
CA CYS A 52 1.26 -3.78 8.69
C CYS A 52 2.60 -3.06 8.65
N GLN A 53 2.85 -2.34 7.55
CA GLN A 53 4.08 -1.60 7.29
C GLN A 53 5.32 -2.49 7.34
N SER A 54 5.16 -3.79 7.07
CA SER A 54 6.28 -4.71 6.98
C SER A 54 6.82 -4.73 5.55
N ILE A 55 8.07 -4.30 5.35
CA ILE A 55 8.75 -4.37 4.06
C ILE A 55 9.00 -5.82 3.63
N SER A 56 8.96 -6.73 4.59
CA SER A 56 9.09 -8.16 4.38
C SER A 56 8.21 -8.61 3.21
N HIS A 57 6.95 -8.19 3.25
CA HIS A 57 5.94 -8.56 2.26
C HIS A 57 5.20 -7.30 1.79
N MET A 58 4.05 -7.51 1.15
CA MET A 58 3.19 -6.46 0.67
C MET A 58 1.80 -6.72 1.21
N VAL A 59 0.92 -5.71 1.22
CA VAL A 59 -0.47 -5.92 1.62
C VAL A 59 -1.08 -6.98 0.72
N ALA A 60 -0.50 -7.14 -0.47
CA ALA A 60 -0.92 -8.13 -1.43
C ALA A 60 -0.72 -9.55 -0.89
N SER A 61 -0.02 -9.63 0.24
CA SER A 61 0.34 -10.88 0.90
C SER A 61 0.32 -10.72 2.41
N CYS A 62 -0.26 -9.63 2.94
CA CYS A 62 -0.21 -9.39 4.37
C CYS A 62 -0.75 -10.61 5.12
N PRO A 63 -0.01 -11.11 6.12
CA PRO A 63 -0.44 -12.23 6.92
C PRO A 63 -1.55 -11.83 7.89
N LEU A 64 -1.74 -10.52 8.09
CA LEU A 64 -2.75 -10.05 9.02
C LEU A 64 -4.11 -10.03 8.34
N LYS A 65 -4.20 -9.35 7.19
CA LYS A 65 -5.46 -9.13 6.51
C LYS A 65 -6.17 -10.45 6.23
N ALA A 66 -5.42 -11.55 6.28
CA ALA A 66 -5.97 -12.87 6.09
C ALA A 66 -7.09 -13.16 7.11
N GLN A 67 -7.15 -12.35 8.17
CA GLN A 67 -8.18 -12.47 9.19
C GLN A 67 -8.59 -11.09 9.71
N GLN A 68 -8.16 -10.01 9.05
CA GLN A 68 -8.64 -8.66 9.38
C GLN A 68 -9.41 -8.05 8.21
N GLY A 69 -9.28 -8.64 7.02
CA GLY A 69 -9.95 -8.14 5.82
C GLY A 69 -9.63 -9.03 4.61
N PRO A 70 -9.95 -10.32 4.68
CA PRO A 70 -9.63 -11.29 3.64
C PRO A 70 -10.41 -11.03 2.34
N SER A 71 -11.30 -10.04 2.34
CA SER A 71 -12.06 -9.66 1.17
C SER A 71 -12.54 -8.21 1.29
N ALA A 72 -13.00 -7.64 0.18
CA ALA A 72 -13.55 -6.29 0.13
C ALA A 72 -14.67 -6.22 -0.90
N GLN A 73 -15.02 -7.36 -1.51
CA GLN A 73 -16.07 -7.47 -2.51
C GLN A 73 -17.44 -7.16 -1.87
N GLY A 74 -18.34 -6.61 -2.67
CA GLY A 74 -19.69 -6.27 -2.24
C GLY A 74 -20.36 -5.35 -3.24
N PRO A 12 -14.09 -5.75 9.16
CA PRO A 12 -14.49 -4.44 9.68
C PRO A 12 -13.29 -3.56 10.04
N LYS A 13 -12.59 -3.08 9.01
CA LYS A 13 -11.39 -2.26 9.19
C LYS A 13 -11.17 -1.39 7.96
N GLY A 14 -10.35 -0.34 8.10
CA GLY A 14 -10.02 0.58 7.01
C GLY A 14 -9.13 -0.10 5.97
N LYS A 15 -8.55 0.72 5.07
CA LYS A 15 -7.74 0.25 3.95
C LYS A 15 -8.55 -0.70 3.07
N SER A 16 -7.89 -1.34 2.10
CA SER A 16 -8.56 -2.29 1.20
C SER A 16 -9.72 -1.63 0.47
N MET A 17 -10.59 -2.44 -0.13
CA MET A 17 -11.78 -1.97 -0.82
C MET A 17 -11.44 -0.94 -1.89
N GLN A 18 -10.27 -1.10 -2.50
CA GLN A 18 -9.76 -0.18 -3.51
C GLN A 18 -10.56 -0.28 -4.81
N LYS A 19 -10.34 0.69 -5.70
CA LYS A 19 -11.00 0.80 -7.00
C LYS A 19 -9.98 1.34 -8.00
N ARG A 20 -9.55 0.49 -8.94
CA ARG A 20 -8.46 0.80 -9.87
C ARG A 20 -7.23 1.35 -9.13
N ARG A 21 -6.33 2.03 -9.85
CA ARG A 21 -5.14 2.63 -9.27
C ARG A 21 -5.02 4.10 -9.66
N SER A 22 -6.08 4.62 -10.26
CA SER A 22 -6.18 6.02 -10.63
C SER A 22 -6.17 6.90 -9.40
N LYS A 23 -6.57 6.34 -8.25
CA LYS A 23 -6.59 7.03 -6.97
C LYS A 23 -6.65 5.98 -5.88
N GLY A 24 -6.07 6.27 -4.70
CA GLY A 24 -6.13 5.36 -3.57
C GLY A 24 -4.74 4.91 -3.11
N ASP A 25 -3.67 5.50 -3.63
CA ASP A 25 -2.32 5.11 -3.27
C ASP A 25 -1.43 6.33 -3.10
N ARG A 26 -0.14 6.10 -2.84
CA ARG A 26 0.81 7.15 -2.48
C ARG A 26 2.10 6.97 -3.29
N CYS A 27 3.02 7.93 -3.19
CA CYS A 27 4.32 7.94 -3.84
C CYS A 27 4.98 6.57 -3.73
N TYR A 28 5.21 5.94 -4.89
CA TYR A 28 5.83 4.64 -4.97
C TYR A 28 7.33 4.70 -4.64
N ASN A 29 7.81 5.83 -4.11
CA ASN A 29 9.20 5.98 -3.76
C ASN A 29 9.37 6.24 -2.27
N CYS A 30 8.43 6.94 -1.63
CA CYS A 30 8.51 7.23 -0.21
C CYS A 30 7.26 6.76 0.54
N GLY A 31 6.10 6.98 -0.09
CA GLY A 31 4.81 6.67 0.49
C GLY A 31 4.04 7.93 0.84
N GLY A 32 4.46 9.10 0.33
CA GLY A 32 3.79 10.37 0.55
C GLY A 32 2.60 10.54 -0.38
N LEU A 33 1.65 11.41 -0.03
CA LEU A 33 0.40 11.54 -0.76
C LEU A 33 0.35 12.86 -1.52
N ASP A 34 1.18 13.81 -1.11
CA ASP A 34 1.21 15.14 -1.71
C ASP A 34 2.01 15.15 -3.01
N HIS A 35 2.55 13.98 -3.41
CA HIS A 35 3.35 13.85 -4.61
C HIS A 35 3.41 12.40 -5.07
N HIS A 36 4.27 12.11 -6.04
CA HIS A 36 4.45 10.77 -6.58
C HIS A 36 5.94 10.44 -6.67
N ALA A 37 6.26 9.19 -6.99
CA ALA A 37 7.64 8.71 -7.02
C ALA A 37 8.55 9.54 -7.93
N LYS A 38 7.96 10.18 -8.94
CA LYS A 38 8.68 11.00 -9.90
C LYS A 38 8.89 12.43 -9.42
N GLU A 39 8.23 12.77 -8.31
CA GLU A 39 8.35 14.07 -7.67
C GLU A 39 8.88 13.94 -6.25
N CYS A 40 9.20 12.71 -5.83
CA CYS A 40 9.76 12.42 -4.54
C CYS A 40 11.10 13.13 -4.33
N LYS A 41 11.54 13.22 -3.08
CA LYS A 41 12.71 14.00 -2.71
C LYS A 41 13.72 13.22 -1.86
N LEU A 42 13.43 11.95 -1.60
CA LEU A 42 14.36 11.04 -0.92
C LEU A 42 14.68 9.88 -1.86
N PRO A 43 15.70 9.06 -1.55
CA PRO A 43 16.09 7.92 -2.36
C PRO A 43 15.00 6.86 -2.31
N PRO A 44 15.03 5.85 -3.19
CA PRO A 44 13.97 4.87 -3.28
C PRO A 44 13.87 4.06 -1.99
N GLN A 45 12.82 4.34 -1.22
CA GLN A 45 12.52 3.64 0.01
C GLN A 45 11.86 2.30 -0.33
N PRO A 46 11.87 1.35 0.60
CA PRO A 46 11.16 0.10 0.43
C PRO A 46 9.66 0.34 0.56
N LYS A 47 8.91 -0.13 -0.44
CA LYS A 47 7.45 0.00 -0.44
C LYS A 47 6.87 -0.99 0.56
N LYS A 48 6.51 -0.47 1.74
CA LYS A 48 5.97 -1.26 2.84
C LYS A 48 4.57 -1.78 2.53
N CYS A 49 4.15 -2.81 3.25
CA CYS A 49 2.80 -3.36 3.20
C CYS A 49 1.78 -2.26 3.48
N HIS A 50 0.79 -2.13 2.59
CA HIS A 50 -0.31 -1.16 2.72
C HIS A 50 -1.22 -1.54 3.90
N PHE A 51 -0.83 -2.52 4.71
CA PHE A 51 -1.70 -3.10 5.71
C PHE A 51 -1.05 -3.18 7.07
N CYS A 52 0.25 -3.46 7.13
CA CYS A 52 0.98 -3.53 8.39
C CYS A 52 2.31 -2.79 8.30
N GLN A 53 2.54 -2.09 7.19
CA GLN A 53 3.76 -1.37 6.88
C GLN A 53 5.02 -2.22 6.99
N SER A 54 4.91 -3.54 6.84
CA SER A 54 6.05 -4.43 6.86
C SER A 54 6.64 -4.56 5.45
N ILE A 55 7.89 -4.13 5.27
CA ILE A 55 8.64 -4.33 4.03
C ILE A 55 8.96 -5.79 3.80
N SER A 56 8.89 -6.60 4.86
CA SER A 56 9.11 -8.04 4.79
C SER A 56 8.26 -8.67 3.68
N HIS A 57 7.00 -8.27 3.61
CA HIS A 57 6.04 -8.78 2.63
C HIS A 57 5.27 -7.61 2.02
N MET A 58 4.13 -7.91 1.41
CA MET A 58 3.24 -6.92 0.81
C MET A 58 1.83 -7.20 1.33
N VAL A 59 0.91 -6.23 1.21
CA VAL A 59 -0.47 -6.47 1.57
C VAL A 59 -1.01 -7.65 0.78
N ALA A 60 -0.38 -7.90 -0.37
CA ALA A 60 -0.74 -9.01 -1.23
C ALA A 60 -0.48 -10.34 -0.54
N SER A 61 0.19 -10.28 0.61
CA SER A 61 0.61 -11.44 1.37
C SER A 61 0.53 -11.16 2.87
N CYS A 62 -0.10 -10.05 3.26
CA CYS A 62 -0.10 -9.68 4.68
C CYS A 62 -0.60 -10.84 5.54
N PRO A 63 0.13 -11.21 6.59
CA PRO A 63 -0.25 -12.28 7.50
C PRO A 63 -1.41 -11.85 8.38
N LEU A 64 -1.69 -10.55 8.45
CA LEU A 64 -2.76 -10.03 9.27
C LEU A 64 -4.10 -10.13 8.56
N LYS A 65 -4.17 -9.60 7.34
CA LYS A 65 -5.42 -9.55 6.61
C LYS A 65 -6.02 -10.94 6.45
N ALA A 66 -5.20 -11.97 6.65
CA ALA A 66 -5.65 -13.35 6.58
C ALA A 66 -6.82 -13.61 7.52
N GLN A 67 -7.02 -12.70 8.48
CA GLN A 67 -8.14 -12.77 9.39
C GLN A 67 -8.70 -11.38 9.71
N GLN A 68 -8.05 -10.30 9.27
CA GLN A 68 -8.63 -8.96 9.42
C GLN A 68 -9.44 -8.58 8.18
N GLY A 69 -9.21 -9.28 7.06
CA GLY A 69 -9.89 -8.99 5.82
C GLY A 69 -9.45 -9.94 4.71
N PRO A 70 -9.69 -11.26 4.85
CA PRO A 70 -9.33 -12.25 3.85
C PRO A 70 -10.12 -12.09 2.56
N SER A 71 -10.97 -11.05 2.47
CA SER A 71 -11.72 -10.71 1.29
C SER A 71 -12.08 -9.23 1.36
N ALA A 72 -12.68 -8.69 0.29
CA ALA A 72 -13.08 -7.29 0.24
C ALA A 72 -14.45 -7.15 -0.43
N GLN A 73 -15.14 -8.27 -0.66
CA GLN A 73 -16.45 -8.31 -1.31
C GLN A 73 -16.47 -7.53 -2.63
N GLY A 74 -15.30 -7.37 -3.25
CA GLY A 74 -15.16 -6.64 -4.50
C GLY A 74 -13.72 -6.71 -4.99
N PRO A 12 -8.31 -17.57 -5.03
CA PRO A 12 -8.69 -18.53 -6.08
C PRO A 12 -7.62 -18.69 -7.14
N LYS A 13 -7.41 -17.68 -7.97
CA LYS A 13 -6.43 -17.72 -9.05
C LYS A 13 -5.82 -16.34 -9.31
N GLY A 14 -6.37 -15.31 -8.66
CA GLY A 14 -5.91 -13.93 -8.78
C GLY A 14 -6.91 -13.08 -9.55
N LYS A 15 -6.88 -11.77 -9.30
CA LYS A 15 -7.83 -10.82 -9.88
C LYS A 15 -7.18 -9.46 -10.06
N SER A 16 -7.98 -8.47 -10.44
CA SER A 16 -7.54 -7.10 -10.66
C SER A 16 -8.63 -6.14 -10.16
N MET A 17 -8.43 -4.84 -10.34
CA MET A 17 -9.37 -3.83 -9.88
C MET A 17 -9.59 -2.78 -10.97
N GLN A 18 -10.43 -1.79 -10.67
CA GLN A 18 -10.83 -0.75 -11.59
C GLN A 18 -9.62 -0.08 -12.24
N LYS A 19 -9.83 0.42 -13.46
CA LYS A 19 -8.86 1.13 -14.27
C LYS A 19 -7.44 0.53 -14.22
N ARG A 20 -7.33 -0.78 -13.94
CA ARG A 20 -6.10 -1.55 -13.81
C ARG A 20 -5.12 -1.10 -12.73
N ARG A 21 -5.20 0.16 -12.33
CA ARG A 21 -4.35 0.74 -11.29
C ARG A 21 -5.16 1.33 -10.15
N SER A 22 -6.49 1.09 -10.17
CA SER A 22 -7.45 1.60 -9.21
C SER A 22 -7.19 3.04 -8.79
N LYS A 23 -7.66 3.45 -7.61
CA LYS A 23 -7.46 4.79 -7.08
C LYS A 23 -7.38 4.74 -5.56
N GLY A 24 -6.58 5.65 -4.98
CA GLY A 24 -6.37 5.73 -3.55
C GLY A 24 -4.95 5.26 -3.17
N ASP A 25 -4.17 4.84 -4.17
CA ASP A 25 -2.81 4.36 -3.97
C ASP A 25 -1.89 5.52 -3.57
N ARG A 26 -0.60 5.24 -3.42
CA ARG A 26 0.39 6.20 -2.93
C ARG A 26 1.67 6.11 -3.75
N CYS A 27 2.58 7.07 -3.52
CA CYS A 27 3.91 7.15 -4.10
C CYS A 27 4.63 5.81 -3.90
N TYR A 28 4.97 5.15 -5.00
CA TYR A 28 5.67 3.87 -5.01
C TYR A 28 7.12 4.02 -4.56
N ASN A 29 7.53 5.22 -4.12
CA ASN A 29 8.91 5.46 -3.73
C ASN A 29 9.03 5.78 -2.24
N CYS A 30 8.05 6.47 -1.65
CA CYS A 30 8.10 6.81 -0.25
C CYS A 30 6.90 6.26 0.51
N GLY A 31 5.73 6.33 -0.13
CA GLY A 31 4.48 5.86 0.44
C GLY A 31 3.57 7.03 0.78
N GLY A 32 3.79 8.21 0.18
CA GLY A 32 2.95 9.39 0.41
C GLY A 32 1.81 9.45 -0.58
N LEU A 33 0.83 10.31 -0.34
CA LEU A 33 -0.41 10.32 -1.12
C LEU A 33 -0.56 11.64 -1.87
N ASP A 34 0.13 12.68 -1.41
CA ASP A 34 0.07 14.00 -2.02
C ASP A 34 0.90 14.06 -3.30
N HIS A 35 1.55 12.96 -3.67
CA HIS A 35 2.42 12.91 -4.85
C HIS A 35 2.59 11.47 -5.35
N HIS A 36 3.51 11.27 -6.29
CA HIS A 36 3.83 9.95 -6.85
C HIS A 36 5.34 9.74 -6.84
N ALA A 37 5.78 8.52 -7.15
CA ALA A 37 7.18 8.15 -7.07
C ALA A 37 8.06 9.00 -7.99
N LYS A 38 7.48 9.56 -9.05
CA LYS A 38 8.19 10.40 -10.00
C LYS A 38 8.25 11.85 -9.54
N GLU A 39 7.48 12.17 -8.50
CA GLU A 39 7.46 13.50 -7.91
C GLU A 39 7.93 13.45 -6.45
N CYS A 40 8.36 12.28 -6.00
CA CYS A 40 8.91 12.08 -4.68
C CYS A 40 10.17 12.93 -4.50
N LYS A 41 10.62 13.11 -3.26
CA LYS A 41 11.73 14.01 -2.94
C LYS A 41 12.79 13.34 -2.09
N LEU A 42 12.61 12.05 -1.78
CA LEU A 42 13.59 11.25 -1.06
C LEU A 42 14.00 10.07 -1.95
N PRO A 43 15.11 9.38 -1.61
CA PRO A 43 15.61 8.25 -2.38
C PRO A 43 14.65 7.08 -2.26
N PRO A 44 14.80 6.02 -3.06
CA PRO A 44 13.85 4.92 -3.07
C PRO A 44 13.80 4.22 -1.73
N GLN A 45 12.72 4.45 -0.98
CA GLN A 45 12.46 3.79 0.28
C GLN A 45 11.90 2.40 0.00
N PRO A 46 12.00 1.48 0.96
CA PRO A 46 11.44 0.16 0.81
C PRO A 46 9.93 0.28 0.89
N LYS A 47 9.24 -0.23 -0.12
CA LYS A 47 7.78 -0.18 -0.13
C LYS A 47 7.23 -1.12 0.93
N LYS A 48 6.81 -0.55 2.07
CA LYS A 48 6.24 -1.29 3.17
C LYS A 48 4.82 -1.75 2.85
N CYS A 49 4.37 -2.78 3.56
CA CYS A 49 3.00 -3.23 3.50
C CYS A 49 2.08 -2.06 3.88
N HIS A 50 1.12 -1.71 3.01
CA HIS A 50 0.15 -0.66 3.27
C HIS A 50 -0.81 -1.04 4.40
N PHE A 51 -0.50 -2.12 5.13
CA PHE A 51 -1.42 -2.71 6.08
C PHE A 51 -0.80 -2.96 7.44
N CYS A 52 0.48 -3.38 7.46
CA CYS A 52 1.20 -3.61 8.70
C CYS A 52 2.57 -2.93 8.69
N GLN A 53 2.83 -2.16 7.63
CA GLN A 53 4.08 -1.47 7.37
C GLN A 53 5.30 -2.40 7.36
N SER A 54 5.09 -3.69 7.13
CA SER A 54 6.19 -4.65 7.06
C SER A 54 6.75 -4.69 5.65
N ILE A 55 8.00 -4.24 5.46
CA ILE A 55 8.72 -4.35 4.19
C ILE A 55 8.98 -5.81 3.81
N SER A 56 8.91 -6.70 4.79
CA SER A 56 9.05 -8.13 4.60
C SER A 56 8.17 -8.62 3.45
N HIS A 57 6.92 -8.18 3.43
CA HIS A 57 5.93 -8.54 2.41
C HIS A 57 5.20 -7.30 1.91
N MET A 58 4.05 -7.50 1.28
CA MET A 58 3.20 -6.43 0.78
C MET A 58 1.80 -6.66 1.31
N VAL A 59 0.95 -5.64 1.29
CA VAL A 59 -0.44 -5.80 1.65
C VAL A 59 -1.05 -6.86 0.74
N ALA A 60 -0.43 -7.04 -0.43
CA ALA A 60 -0.85 -8.03 -1.39
C ALA A 60 -0.66 -9.45 -0.85
N SER A 61 -0.02 -9.54 0.31
CA SER A 61 0.31 -10.80 0.96
C SER A 61 0.27 -10.66 2.48
N CYS A 62 -0.28 -9.55 3.00
CA CYS A 62 -0.25 -9.31 4.44
C CYS A 62 -0.84 -10.51 5.20
N PRO A 63 -0.13 -11.01 6.22
CA PRO A 63 -0.60 -12.11 7.03
C PRO A 63 -1.72 -11.66 7.96
N LEU A 64 -1.89 -10.34 8.13
CA LEU A 64 -2.92 -9.83 9.01
C LEU A 64 -4.24 -9.72 8.28
N LYS A 65 -4.23 -9.18 7.06
CA LYS A 65 -5.48 -9.01 6.32
C LYS A 65 -6.15 -10.36 6.08
N ALA A 66 -5.37 -11.44 6.11
CA ALA A 66 -5.90 -12.77 5.92
C ALA A 66 -6.81 -13.19 7.08
N GLN A 67 -6.80 -12.39 8.15
CA GLN A 67 -7.54 -12.65 9.37
C GLN A 67 -8.12 -11.35 9.95
N GLN A 68 -7.97 -10.23 9.24
CA GLN A 68 -8.43 -8.94 9.72
C GLN A 68 -9.06 -8.12 8.60
N GLY A 69 -8.88 -8.52 7.34
CA GLY A 69 -9.48 -7.85 6.20
C GLY A 69 -9.30 -8.62 4.90
N PRO A 70 -9.93 -9.79 4.78
CA PRO A 70 -9.80 -10.69 3.64
C PRO A 70 -10.25 -10.10 2.30
N SER A 71 -10.69 -8.84 2.26
CA SER A 71 -11.13 -8.20 1.02
C SER A 71 -9.95 -7.99 0.05
N ALA A 72 -10.26 -7.52 -1.15
CA ALA A 72 -9.29 -7.22 -2.19
C ALA A 72 -8.42 -8.43 -2.58
N GLN A 73 -8.90 -9.64 -2.35
CA GLN A 73 -8.18 -10.86 -2.73
C GLN A 73 -8.64 -11.36 -4.10
N GLY A 74 -8.01 -12.44 -4.56
CA GLY A 74 -8.33 -13.07 -5.84
C GLY A 74 -7.93 -14.53 -5.84
N PRO A 12 -9.38 -1.11 4.95
CA PRO A 12 -10.77 -0.86 4.56
C PRO A 12 -10.90 -0.55 3.08
N LYS A 13 -11.99 -1.00 2.45
CA LYS A 13 -12.24 -0.83 1.03
C LYS A 13 -11.07 -1.32 0.19
N GLY A 14 -10.24 -2.22 0.75
CA GLY A 14 -9.07 -2.73 0.07
C GLY A 14 -9.42 -3.79 -0.96
N LYS A 15 -10.41 -4.61 -0.62
CA LYS A 15 -10.83 -5.76 -1.42
C LYS A 15 -9.65 -6.60 -1.93
N SER A 16 -9.90 -7.42 -2.94
CA SER A 16 -8.88 -8.27 -3.53
C SER A 16 -9.20 -8.51 -4.99
N MET A 17 -8.17 -8.89 -5.76
CA MET A 17 -8.30 -9.20 -7.17
C MET A 17 -9.19 -8.21 -7.92
N GLN A 18 -9.09 -6.93 -7.55
CA GLN A 18 -9.91 -5.88 -8.12
C GLN A 18 -9.74 -5.80 -9.63
N LYS A 19 -10.77 -5.28 -10.31
CA LYS A 19 -10.77 -5.11 -11.75
C LYS A 19 -9.87 -3.94 -12.14
N ARG A 20 -9.59 -3.82 -13.44
CA ARG A 20 -8.80 -2.76 -14.02
C ARG A 20 -7.54 -2.48 -13.20
N ARG A 21 -6.98 -1.27 -13.27
CA ARG A 21 -5.74 -0.97 -12.56
C ARG A 21 -6.00 -0.39 -11.17
N SER A 22 -4.93 -0.41 -10.35
CA SER A 22 -4.94 0.04 -8.97
C SER A 22 -5.35 1.50 -8.85
N LYS A 23 -5.77 1.91 -7.65
CA LYS A 23 -6.25 3.26 -7.39
C LYS A 23 -5.92 3.69 -5.96
N GLY A 24 -6.03 4.99 -5.68
CA GLY A 24 -5.77 5.53 -4.36
C GLY A 24 -4.29 5.41 -3.96
N ASP A 25 -3.43 5.09 -4.92
CA ASP A 25 -1.99 4.92 -4.71
C ASP A 25 -1.31 6.25 -4.36
N ARG A 26 0.00 6.16 -4.10
CA ARG A 26 0.83 7.28 -3.66
C ARG A 26 2.21 7.21 -4.33
N CYS A 27 3.07 8.20 -4.07
CA CYS A 27 4.45 8.22 -4.52
C CYS A 27 5.09 6.85 -4.27
N TYR A 28 5.33 6.12 -5.36
CA TYR A 28 5.92 4.79 -5.31
C TYR A 28 7.40 4.84 -4.87
N ASN A 29 7.87 5.99 -4.37
CA ASN A 29 9.25 6.11 -3.93
C ASN A 29 9.34 6.44 -2.44
N CYS A 30 8.36 7.15 -1.88
CA CYS A 30 8.36 7.51 -0.47
C CYS A 30 7.06 7.08 0.22
N GLY A 31 5.94 7.26 -0.47
CA GLY A 31 4.62 6.94 0.05
C GLY A 31 3.81 8.21 0.30
N GLY A 32 4.25 9.36 -0.25
CA GLY A 32 3.54 10.63 -0.13
C GLY A 32 2.45 10.74 -1.18
N LEU A 33 1.54 11.71 -1.02
CA LEU A 33 0.38 11.83 -1.89
C LEU A 33 0.42 13.15 -2.65
N ASP A 34 1.10 14.16 -2.09
CA ASP A 34 1.20 15.49 -2.66
C ASP A 34 2.13 15.49 -3.88
N HIS A 35 2.69 14.33 -4.24
CA HIS A 35 3.62 14.21 -5.35
C HIS A 35 3.65 12.77 -5.85
N HIS A 36 4.60 12.46 -6.75
CA HIS A 36 4.80 11.13 -7.30
C HIS A 36 6.26 10.73 -7.21
N ALA A 37 6.57 9.46 -7.48
CA ALA A 37 7.90 8.90 -7.35
C ALA A 37 8.93 9.66 -8.19
N LYS A 38 8.48 10.22 -9.32
CA LYS A 38 9.34 10.98 -10.23
C LYS A 38 9.55 12.40 -9.75
N GLU A 39 8.75 12.82 -8.78
CA GLU A 39 8.85 14.15 -8.17
C GLU A 39 9.38 14.06 -6.75
N CYS A 40 9.58 12.83 -6.24
CA CYS A 40 10.06 12.58 -4.89
C CYS A 40 11.43 13.22 -4.67
N LYS A 41 11.81 13.38 -3.40
CA LYS A 41 13.01 14.13 -3.03
C LYS A 41 13.96 13.34 -2.15
N LEU A 42 13.61 12.09 -1.84
CA LEU A 42 14.42 11.19 -1.05
C LEU A 42 14.79 9.96 -1.88
N PRO A 43 15.77 9.16 -1.43
CA PRO A 43 16.21 7.97 -2.14
C PRO A 43 15.08 6.93 -2.14
N PRO A 44 15.20 5.86 -2.94
CA PRO A 44 14.15 4.87 -3.10
C PRO A 44 13.90 4.14 -1.79
N GLN A 45 12.80 4.48 -1.11
CA GLN A 45 12.40 3.84 0.12
C GLN A 45 11.77 2.48 -0.20
N PRO A 46 11.75 1.56 0.75
CA PRO A 46 11.07 0.30 0.60
C PRO A 46 9.56 0.52 0.75
N LYS A 47 8.81 0.03 -0.24
CA LYS A 47 7.35 0.14 -0.22
C LYS A 47 6.80 -0.91 0.75
N LYS A 48 6.41 -0.45 1.93
CA LYS A 48 5.92 -1.31 2.99
C LYS A 48 4.54 -1.85 2.68
N CYS A 49 4.17 -2.91 3.41
CA CYS A 49 2.82 -3.46 3.40
C CYS A 49 1.82 -2.35 3.74
N HIS A 50 0.81 -2.16 2.90
CA HIS A 50 -0.26 -1.18 3.13
C HIS A 50 -1.11 -1.56 4.34
N PHE A 51 -0.70 -2.57 5.10
CA PHE A 51 -1.55 -3.17 6.10
C PHE A 51 -0.89 -3.32 7.47
N CYS A 52 0.42 -3.61 7.48
CA CYS A 52 1.17 -3.74 8.73
C CYS A 52 2.51 -3.01 8.62
N GLN A 53 2.73 -2.33 7.49
CA GLN A 53 3.94 -1.59 7.16
C GLN A 53 5.20 -2.47 7.19
N SER A 54 5.04 -3.79 7.08
CA SER A 54 6.16 -4.71 7.07
C SER A 54 6.71 -4.86 5.67
N ILE A 55 7.89 -4.28 5.41
CA ILE A 55 8.58 -4.40 4.13
C ILE A 55 8.91 -5.85 3.78
N SER A 56 8.95 -6.71 4.79
CA SER A 56 9.15 -8.14 4.62
C SER A 56 8.27 -8.67 3.50
N HIS A 57 6.99 -8.33 3.55
CA HIS A 57 5.98 -8.79 2.60
C HIS A 57 5.21 -7.59 2.06
N MET A 58 4.07 -7.87 1.43
CA MET A 58 3.18 -6.86 0.90
C MET A 58 1.79 -7.12 1.45
N VAL A 59 0.90 -6.12 1.38
CA VAL A 59 -0.48 -6.35 1.76
C VAL A 59 -1.05 -7.48 0.93
N ALA A 60 -0.42 -7.71 -0.23
CA ALA A 60 -0.79 -8.76 -1.14
C ALA A 60 -0.59 -10.13 -0.51
N SER A 61 0.09 -10.14 0.63
CA SER A 61 0.48 -11.35 1.34
C SER A 61 0.43 -11.13 2.85
N CYS A 62 -0.15 -10.01 3.30
CA CYS A 62 -0.12 -9.68 4.74
C CYS A 62 -0.63 -10.88 5.55
N PRO A 63 0.12 -11.29 6.59
CA PRO A 63 -0.26 -12.38 7.46
C PRO A 63 -1.38 -11.95 8.41
N LEU A 64 -1.65 -10.65 8.52
CA LEU A 64 -2.68 -10.16 9.40
C LEU A 64 -4.04 -10.17 8.73
N LYS A 65 -4.12 -9.62 7.51
CA LYS A 65 -5.39 -9.51 6.80
C LYS A 65 -6.03 -10.87 6.63
N ALA A 66 -5.24 -11.94 6.81
CA ALA A 66 -5.72 -13.30 6.69
C ALA A 66 -6.85 -13.58 7.66
N GLN A 67 -7.00 -12.72 8.68
CA GLN A 67 -8.11 -12.82 9.61
C GLN A 67 -8.60 -11.44 10.02
N GLN A 68 -8.11 -10.37 9.38
CA GLN A 68 -8.57 -9.01 9.64
C GLN A 68 -9.42 -8.51 8.48
N GLY A 69 -9.27 -9.14 7.30
CA GLY A 69 -10.04 -8.79 6.12
C GLY A 69 -9.86 -9.82 5.01
N PRO A 70 -10.05 -11.12 5.30
CA PRO A 70 -9.92 -12.19 4.33
C PRO A 70 -11.08 -12.20 3.35
N SER A 71 -11.97 -11.20 3.44
CA SER A 71 -13.16 -11.05 2.61
C SER A 71 -12.86 -10.94 1.12
N ALA A 72 -13.94 -10.81 0.33
CA ALA A 72 -13.89 -10.59 -1.11
C ALA A 72 -13.17 -11.70 -1.87
N GLN A 73 -13.11 -12.92 -1.31
CA GLN A 73 -12.46 -14.05 -1.97
C GLN A 73 -13.12 -14.38 -3.32
N GLY A 74 -12.50 -15.28 -4.08
CA GLY A 74 -13.02 -15.74 -5.36
C GLY A 74 -12.25 -16.95 -5.86
N PRO A 12 2.34 3.71 13.45
CA PRO A 12 1.33 3.96 12.42
C PRO A 12 0.16 2.98 12.51
N LYS A 13 -1.07 3.48 12.34
CA LYS A 13 -2.26 2.64 12.33
C LYS A 13 -3.41 3.38 11.65
N GLY A 14 -4.19 2.66 10.85
CA GLY A 14 -5.31 3.24 10.13
C GLY A 14 -5.90 2.26 9.13
N LYS A 15 -6.86 2.75 8.32
CA LYS A 15 -7.53 1.97 7.30
C LYS A 15 -7.83 2.86 6.10
N SER A 16 -8.25 2.24 4.99
CA SER A 16 -8.57 2.99 3.78
C SER A 16 -9.63 2.24 2.98
N MET A 17 -10.33 2.96 2.09
CA MET A 17 -11.36 2.37 1.25
C MET A 17 -11.59 3.24 0.01
N GLN A 18 -12.18 2.64 -1.03
CA GLN A 18 -12.51 3.32 -2.26
C GLN A 18 -13.85 2.82 -2.80
N LYS A 19 -14.37 3.51 -3.82
CA LYS A 19 -15.65 3.20 -4.46
C LYS A 19 -15.50 3.26 -5.97
N ARG A 20 -14.26 3.18 -6.46
CA ARG A 20 -13.93 3.25 -7.88
C ARG A 20 -12.89 2.19 -8.22
N ARG A 21 -12.50 2.10 -9.50
CA ARG A 21 -11.48 1.18 -9.98
C ARG A 21 -10.09 1.56 -9.48
N SER A 22 -10.02 2.32 -8.39
CA SER A 22 -8.80 2.72 -7.71
C SER A 22 -7.98 1.49 -7.32
N LYS A 23 -6.76 1.71 -6.81
CA LYS A 23 -5.87 0.60 -6.46
C LYS A 23 -5.26 0.80 -5.08
N GLY A 24 -5.52 1.95 -4.46
CA GLY A 24 -5.12 2.25 -3.09
C GLY A 24 -3.62 2.44 -2.90
N ASP A 25 -2.82 2.23 -3.96
CA ASP A 25 -1.38 2.38 -3.86
C ASP A 25 -0.96 3.83 -3.67
N ARG A 26 0.33 4.02 -3.41
CA ARG A 26 0.95 5.29 -3.06
C ARG A 26 2.29 5.40 -3.79
N CYS A 27 2.96 6.54 -3.64
CA CYS A 27 4.29 6.79 -4.20
C CYS A 27 5.15 5.53 -4.03
N TYR A 28 5.53 4.91 -5.15
CA TYR A 28 6.32 3.70 -5.16
C TYR A 28 7.75 3.94 -4.69
N ASN A 29 8.08 5.16 -4.25
CA ASN A 29 9.44 5.46 -3.83
C ASN A 29 9.51 5.87 -2.36
N CYS A 30 8.43 6.39 -1.78
CA CYS A 30 8.39 6.71 -0.36
C CYS A 30 7.22 6.04 0.33
N GLY A 31 6.06 6.05 -0.34
CA GLY A 31 4.83 5.50 0.20
C GLY A 31 3.82 6.60 0.52
N GLY A 32 4.02 7.82 0.02
CA GLY A 32 3.11 8.92 0.25
C GLY A 32 1.98 8.92 -0.77
N LEU A 33 0.87 9.58 -0.46
CA LEU A 33 -0.37 9.46 -1.23
C LEU A 33 -0.65 10.73 -2.02
N ASP A 34 -0.08 11.85 -1.59
CA ASP A 34 -0.28 13.14 -2.23
C ASP A 34 0.54 13.25 -3.52
N HIS A 35 1.34 12.23 -3.84
CA HIS A 35 2.25 12.29 -4.98
C HIS A 35 2.61 10.88 -5.46
N HIS A 36 3.52 10.81 -6.43
CA HIS A 36 4.00 9.55 -7.00
C HIS A 36 5.53 9.51 -6.95
N ALA A 37 6.09 8.33 -7.23
CA ALA A 37 7.52 8.09 -7.13
C ALA A 37 8.34 9.06 -7.97
N LYS A 38 7.80 9.44 -9.13
CA LYS A 38 8.44 10.38 -10.04
C LYS A 38 8.43 11.81 -9.51
N GLU A 39 7.56 12.07 -8.53
CA GLU A 39 7.45 13.36 -7.89
C GLU A 39 8.13 13.37 -6.53
N CYS A 40 8.55 12.18 -6.06
CA CYS A 40 9.17 12.01 -4.77
C CYS A 40 10.47 12.82 -4.66
N LYS A 41 10.93 13.02 -3.42
CA LYS A 41 12.04 13.92 -3.14
C LYS A 41 13.11 13.30 -2.25
N LEU A 42 12.96 12.01 -1.94
CA LEU A 42 13.90 11.25 -1.12
C LEU A 42 14.47 10.09 -1.95
N PRO A 43 15.54 9.43 -1.47
CA PRO A 43 16.13 8.29 -2.14
C PRO A 43 15.16 7.11 -2.12
N PRO A 44 15.40 6.04 -2.89
CA PRO A 44 14.45 4.96 -3.01
C PRO A 44 14.25 4.23 -1.68
N GLN A 45 13.09 4.46 -1.06
CA GLN A 45 12.71 3.79 0.17
C GLN A 45 12.16 2.40 -0.16
N PRO A 46 12.16 1.50 0.82
CA PRO A 46 11.48 0.24 0.70
C PRO A 46 9.99 0.49 0.85
N LYS A 47 9.21 0.08 -0.16
CA LYS A 47 7.77 0.24 -0.13
C LYS A 47 7.20 -0.78 0.85
N LYS A 48 6.68 -0.27 1.98
CA LYS A 48 6.14 -1.10 3.05
C LYS A 48 4.73 -1.56 2.74
N CYS A 49 4.30 -2.62 3.44
CA CYS A 49 2.95 -3.12 3.40
C CYS A 49 1.98 -1.99 3.79
N HIS A 50 0.94 -1.76 2.97
CA HIS A 50 -0.09 -0.76 3.24
C HIS A 50 -0.97 -1.17 4.42
N PHE A 51 -0.57 -2.22 5.14
CA PHE A 51 -1.43 -2.83 6.13
C PHE A 51 -0.76 -3.03 7.47
N CYS A 52 0.53 -3.39 7.46
CA CYS A 52 1.30 -3.58 8.67
C CYS A 52 2.66 -2.87 8.59
N GLN A 53 2.85 -2.14 7.50
CA GLN A 53 4.08 -1.41 7.18
C GLN A 53 5.33 -2.29 7.20
N SER A 54 5.15 -3.61 7.02
CA SER A 54 6.27 -4.55 6.96
C SER A 54 6.83 -4.63 5.54
N ILE A 55 8.05 -4.12 5.34
CA ILE A 55 8.77 -4.21 4.07
C ILE A 55 9.07 -5.67 3.69
N SER A 56 9.01 -6.57 4.67
CA SER A 56 9.15 -8.00 4.48
C SER A 56 8.29 -8.46 3.30
N HIS A 57 7.02 -8.04 3.30
CA HIS A 57 6.04 -8.43 2.30
C HIS A 57 5.31 -7.19 1.78
N MET A 58 4.14 -7.39 1.19
CA MET A 58 3.27 -6.34 0.70
C MET A 58 1.88 -6.61 1.23
N VAL A 59 0.98 -5.62 1.20
CA VAL A 59 -0.40 -5.85 1.59
C VAL A 59 -0.99 -6.91 0.67
N ALA A 60 -0.38 -7.08 -0.50
CA ALA A 60 -0.77 -8.10 -1.44
C ALA A 60 -0.51 -9.49 -0.89
N SER A 61 0.13 -9.55 0.27
CA SER A 61 0.54 -10.77 0.94
C SER A 61 0.49 -10.62 2.45
N CYS A 62 -0.11 -9.53 2.97
CA CYS A 62 -0.08 -9.29 4.41
C CYS A 62 -0.61 -10.51 5.16
N PRO A 63 0.10 -10.99 6.19
CA PRO A 63 -0.31 -12.12 6.99
C PRO A 63 -1.46 -11.72 7.91
N LEU A 64 -1.69 -10.41 8.08
CA LEU A 64 -2.74 -9.93 8.96
C LEU A 64 -4.07 -9.96 8.22
N LYS A 65 -4.14 -9.30 7.07
CA LYS A 65 -5.39 -9.16 6.34
C LYS A 65 -6.03 -10.49 6.03
N ALA A 66 -5.26 -11.58 6.15
CA ALA A 66 -5.76 -12.91 5.92
C ALA A 66 -6.94 -13.24 6.83
N GLN A 67 -7.11 -12.46 7.89
CA GLN A 67 -8.21 -12.58 8.83
C GLN A 67 -8.72 -11.21 9.24
N GLN A 68 -8.42 -10.18 8.45
CA GLN A 68 -8.87 -8.81 8.71
C GLN A 68 -9.45 -8.15 7.46
N GLY A 69 -9.23 -8.76 6.29
CA GLY A 69 -9.67 -8.23 5.01
C GLY A 69 -9.13 -9.09 3.86
N PRO A 70 -9.47 -10.39 3.82
CA PRO A 70 -8.93 -11.36 2.87
C PRO A 70 -9.40 -11.15 1.44
N SER A 71 -10.16 -10.09 1.15
CA SER A 71 -10.67 -9.85 -0.19
C SER A 71 -10.90 -8.36 -0.42
N ALA A 72 -11.52 -8.04 -1.56
CA ALA A 72 -11.92 -6.70 -1.92
C ALA A 72 -13.22 -6.75 -2.73
N GLN A 73 -14.14 -5.84 -2.42
CA GLN A 73 -15.44 -5.74 -3.05
C GLN A 73 -16.16 -7.09 -3.14
N GLY A 74 -15.82 -8.01 -2.24
CA GLY A 74 -16.40 -9.34 -2.18
C GLY A 74 -15.48 -10.29 -1.45
N PRO A 12 -2.20 0.23 12.46
CA PRO A 12 -2.58 1.41 11.66
C PRO A 12 -3.95 1.26 11.00
N LYS A 13 -4.04 0.49 9.91
CA LYS A 13 -5.27 0.29 9.16
C LYS A 13 -5.32 -1.13 8.62
N GLY A 14 -6.43 -1.51 7.97
CA GLY A 14 -6.57 -2.85 7.43
C GLY A 14 -7.84 -3.06 6.62
N LYS A 15 -8.35 -1.99 6.02
CA LYS A 15 -9.61 -2.03 5.28
C LYS A 15 -9.58 -1.06 4.11
N SER A 16 -10.35 -1.35 3.05
CA SER A 16 -10.45 -0.48 1.90
C SER A 16 -11.68 -0.85 1.07
N MET A 17 -12.22 0.12 0.33
CA MET A 17 -13.29 -0.10 -0.63
C MET A 17 -13.30 1.07 -1.61
N GLN A 18 -13.61 0.79 -2.88
CA GLN A 18 -13.61 1.80 -3.94
C GLN A 18 -14.60 1.43 -5.03
N LYS A 19 -14.70 2.30 -6.03
CA LYS A 19 -15.50 2.07 -7.23
C LYS A 19 -14.85 2.73 -8.45
N ARG A 20 -13.92 3.68 -8.22
CA ARG A 20 -13.21 4.39 -9.28
C ARG A 20 -11.74 4.59 -8.92
N ARG A 21 -10.95 5.08 -9.88
CA ARG A 21 -9.54 5.36 -9.68
C ARG A 21 -9.32 6.67 -8.93
N SER A 22 -8.05 7.04 -8.74
CA SER A 22 -7.58 8.27 -8.12
C SER A 22 -7.47 8.11 -6.60
N LYS A 23 -7.59 6.87 -6.12
CA LYS A 23 -7.53 6.54 -4.71
C LYS A 23 -7.02 5.11 -4.54
N GLY A 24 -6.49 4.77 -3.36
CA GLY A 24 -6.02 3.42 -3.07
C GLY A 24 -4.53 3.26 -3.37
N ASP A 25 -3.88 4.30 -3.87
CA ASP A 25 -2.47 4.27 -4.20
C ASP A 25 -1.79 5.60 -3.82
N ARG A 26 -0.45 5.56 -3.71
CA ARG A 26 0.37 6.67 -3.26
C ARG A 26 1.72 6.64 -4.00
N CYS A 27 2.56 7.65 -3.79
CA CYS A 27 3.91 7.74 -4.35
C CYS A 27 4.62 6.41 -4.18
N TYR A 28 4.94 5.76 -5.31
CA TYR A 28 5.62 4.47 -5.34
C TYR A 28 7.06 4.58 -4.88
N ASN A 29 7.47 5.73 -4.33
CA ASN A 29 8.83 5.90 -3.85
C ASN A 29 8.88 6.18 -2.35
N CYS A 30 7.92 6.93 -1.81
CA CYS A 30 7.91 7.28 -0.40
C CYS A 30 6.65 6.81 0.30
N GLY A 31 5.52 6.92 -0.41
CA GLY A 31 4.22 6.55 0.11
C GLY A 31 3.35 7.77 0.38
N GLY A 32 3.68 8.93 -0.23
CA GLY A 32 2.88 10.14 -0.08
C GLY A 32 1.67 10.14 -1.01
N LEU A 33 0.71 11.02 -0.79
CA LEU A 33 -0.55 10.99 -1.52
C LEU A 33 -0.76 12.26 -2.35
N ASP A 34 -0.01 13.31 -2.02
CA ASP A 34 -0.12 14.58 -2.71
C ASP A 34 0.83 14.64 -3.92
N HIS A 35 1.58 13.56 -4.16
CA HIS A 35 2.54 13.51 -5.26
C HIS A 35 2.76 12.06 -5.70
N HIS A 36 3.67 11.87 -6.68
CA HIS A 36 3.98 10.57 -7.24
C HIS A 36 5.48 10.30 -7.17
N ALA A 37 5.88 9.06 -7.40
CA ALA A 37 7.26 8.61 -7.29
C ALA A 37 8.21 9.39 -8.20
N LYS A 38 7.68 9.97 -9.28
CA LYS A 38 8.44 10.78 -10.21
C LYS A 38 8.67 12.19 -9.69
N GLU A 39 7.85 12.61 -8.72
CA GLU A 39 7.97 13.92 -8.09
C GLU A 39 8.61 13.81 -6.71
N CYS A 40 8.82 12.58 -6.24
CA CYS A 40 9.39 12.34 -4.91
C CYS A 40 10.75 13.01 -4.79
N LYS A 41 11.22 13.16 -3.55
CA LYS A 41 12.43 13.92 -3.26
C LYS A 41 13.37 13.22 -2.30
N LEU A 42 13.05 11.98 -1.95
CA LEU A 42 13.86 11.17 -1.06
C LEU A 42 14.31 9.91 -1.81
N PRO A 43 15.29 9.17 -1.30
CA PRO A 43 15.83 7.99 -1.96
C PRO A 43 14.78 6.88 -2.01
N PRO A 44 15.00 5.84 -2.81
CA PRO A 44 14.02 4.78 -3.02
C PRO A 44 13.80 3.98 -1.74
N GLN A 45 12.75 4.35 -1.01
CA GLN A 45 12.38 3.65 0.21
C GLN A 45 11.96 2.23 -0.13
N PRO A 46 12.02 1.32 0.85
CA PRO A 46 11.55 -0.03 0.66
C PRO A 46 10.03 -0.01 0.64
N LYS A 47 9.43 -0.65 -0.36
CA LYS A 47 7.97 -0.74 -0.44
C LYS A 47 7.45 -1.64 0.67
N LYS A 48 7.10 -1.04 1.79
CA LYS A 48 6.51 -1.72 2.94
C LYS A 48 5.11 -2.21 2.60
N CYS A 49 4.62 -3.16 3.38
CA CYS A 49 3.24 -3.60 3.32
C CYS A 49 2.32 -2.41 3.62
N HIS A 50 1.40 -2.11 2.70
CA HIS A 50 0.43 -1.04 2.85
C HIS A 50 -0.56 -1.33 3.98
N PHE A 51 -0.28 -2.35 4.81
CA PHE A 51 -1.24 -2.86 5.76
C PHE A 51 -0.65 -3.01 7.16
N CYS A 52 0.62 -3.40 7.25
CA CYS A 52 1.31 -3.53 8.52
C CYS A 52 2.69 -2.86 8.49
N GLN A 53 2.99 -2.18 7.36
CA GLN A 53 4.26 -1.53 7.06
C GLN A 53 5.46 -2.46 7.16
N SER A 54 5.25 -3.78 7.01
CA SER A 54 6.34 -4.74 7.02
C SER A 54 6.91 -4.91 5.62
N ILE A 55 8.16 -4.49 5.42
CA ILE A 55 8.88 -4.69 4.16
C ILE A 55 9.14 -6.17 3.89
N SER A 56 9.03 -6.99 4.93
CA SER A 56 9.17 -8.43 4.86
C SER A 56 8.28 -8.99 3.76
N HIS A 57 7.04 -8.53 3.68
CA HIS A 57 6.06 -8.97 2.70
C HIS A 57 5.36 -7.76 2.10
N MET A 58 4.23 -8.00 1.42
CA MET A 58 3.42 -6.97 0.82
C MET A 58 2.00 -7.11 1.35
N VAL A 59 1.18 -6.06 1.22
CA VAL A 59 -0.23 -6.18 1.54
C VAL A 59 -0.86 -7.27 0.70
N ALA A 60 -0.19 -7.57 -0.42
CA ALA A 60 -0.62 -8.63 -1.32
C ALA A 60 -0.47 -10.00 -0.65
N SER A 61 0.16 -10.01 0.51
CA SER A 61 0.51 -11.19 1.26
C SER A 61 0.41 -10.96 2.76
N CYS A 62 -0.15 -9.82 3.19
CA CYS A 62 -0.15 -9.49 4.60
C CYS A 62 -0.78 -10.63 5.42
N PRO A 63 -0.13 -11.04 6.51
CA PRO A 63 -0.64 -12.07 7.40
C PRO A 63 -1.78 -11.55 8.26
N LEU A 64 -1.95 -10.22 8.31
CA LEU A 64 -3.00 -9.61 9.10
C LEU A 64 -4.32 -9.56 8.33
N LYS A 65 -4.27 -9.05 7.10
CA LYS A 65 -5.48 -8.86 6.31
C LYS A 65 -6.24 -10.17 6.17
N ALA A 66 -5.56 -11.30 6.41
CA ALA A 66 -6.13 -12.62 6.28
C ALA A 66 -7.36 -12.81 7.16
N GLN A 67 -7.52 -11.94 8.16
CA GLN A 67 -8.68 -11.97 9.05
C GLN A 67 -9.10 -10.55 9.42
N GLN A 68 -8.67 -9.57 8.63
CA GLN A 68 -9.01 -8.16 8.87
C GLN A 68 -9.68 -7.54 7.65
N GLY A 69 -9.38 -8.07 6.45
CA GLY A 69 -9.91 -7.55 5.21
C GLY A 69 -9.33 -8.28 4.01
N PRO A 70 -9.54 -9.59 3.88
CA PRO A 70 -9.04 -10.38 2.78
C PRO A 70 -9.78 -10.05 1.49
N SER A 71 -10.84 -9.25 1.58
CA SER A 71 -11.65 -8.79 0.46
C SER A 71 -12.42 -7.54 0.89
N ALA A 72 -13.28 -7.04 0.00
CA ALA A 72 -14.12 -5.87 0.28
C ALA A 72 -15.45 -5.99 -0.46
N GLN A 73 -15.80 -7.21 -0.90
CA GLN A 73 -17.01 -7.49 -1.67
C GLN A 73 -17.05 -6.63 -2.94
N GLY A 74 -15.89 -6.12 -3.38
CA GLY A 74 -15.79 -5.27 -4.55
C GLY A 74 -14.38 -4.71 -4.67
N PRO A 12 -3.84 0.77 6.41
CA PRO A 12 -4.86 1.82 6.31
C PRO A 12 -5.20 2.39 7.68
N LYS A 13 -5.74 3.61 7.71
CA LYS A 13 -6.09 4.27 8.95
C LYS A 13 -7.20 5.32 8.77
N GLY A 14 -7.46 5.74 7.54
CA GLY A 14 -8.49 6.73 7.25
C GLY A 14 -8.34 7.34 5.87
N LYS A 15 -9.05 8.46 5.64
CA LYS A 15 -9.03 9.23 4.41
C LYS A 15 -9.49 8.43 3.19
N SER A 16 -9.69 9.14 2.07
CA SER A 16 -10.14 8.62 0.79
C SER A 16 -11.37 7.71 0.90
N MET A 17 -11.78 7.11 -0.21
CA MET A 17 -12.94 6.23 -0.28
C MET A 17 -12.88 5.36 -1.53
N GLN A 18 -13.93 4.56 -1.74
CA GLN A 18 -14.06 3.62 -2.86
C GLN A 18 -12.95 2.58 -2.89
N LYS A 19 -13.13 1.55 -3.75
CA LYS A 19 -12.18 0.45 -3.88
C LYS A 19 -12.05 0.01 -5.34
N ARG A 20 -13.08 0.28 -6.16
CA ARG A 20 -13.10 -0.14 -7.56
C ARG A 20 -12.40 0.90 -8.44
N ARG A 21 -12.40 2.14 -7.97
CA ARG A 21 -11.81 3.28 -8.65
C ARG A 21 -10.80 4.00 -7.76
N SER A 22 -10.41 3.33 -6.68
CA SER A 22 -9.47 3.86 -5.71
C SER A 22 -8.68 2.72 -5.08
N LYS A 23 -7.54 3.04 -4.49
CA LYS A 23 -6.72 2.08 -3.76
C LYS A 23 -5.92 2.76 -2.67
N GLY A 24 -6.05 4.09 -2.56
CA GLY A 24 -5.38 4.88 -1.53
C GLY A 24 -3.86 4.78 -1.59
N ASP A 25 -3.30 4.30 -2.71
CA ASP A 25 -1.86 4.15 -2.85
C ASP A 25 -1.17 5.51 -2.84
N ARG A 26 0.17 5.49 -2.79
CA ARG A 26 0.97 6.69 -2.64
C ARG A 26 2.25 6.58 -3.48
N CYS A 27 3.09 7.62 -3.47
CA CYS A 27 4.39 7.62 -4.10
C CYS A 27 5.10 6.30 -3.82
N TYR A 28 5.32 5.52 -4.89
CA TYR A 28 5.98 4.23 -4.82
C TYR A 28 7.43 4.35 -4.35
N ASN A 29 7.90 5.56 -4.03
CA ASN A 29 9.28 5.80 -3.67
C ASN A 29 9.45 6.32 -2.24
N CYS A 30 8.48 7.06 -1.70
CA CYS A 30 8.57 7.57 -0.34
C CYS A 30 7.36 7.18 0.49
N GLY A 31 6.18 7.28 -0.13
CA GLY A 31 4.92 7.02 0.54
C GLY A 31 4.13 8.33 0.72
N GLY A 32 4.45 9.35 -0.07
CA GLY A 32 3.73 10.63 -0.06
C GLY A 32 2.52 10.56 -0.99
N LEU A 33 1.59 11.51 -0.83
CA LEU A 33 0.31 11.48 -1.55
C LEU A 33 0.16 12.68 -2.46
N ASP A 34 1.00 13.69 -2.25
CA ASP A 34 0.95 14.92 -3.04
C ASP A 34 1.75 14.75 -4.33
N HIS A 35 2.33 13.58 -4.57
CA HIS A 35 3.18 13.33 -5.73
C HIS A 35 3.29 11.82 -6.01
N HIS A 36 4.17 11.45 -6.94
CA HIS A 36 4.44 10.06 -7.29
C HIS A 36 5.94 9.78 -7.27
N ALA A 37 6.32 8.50 -7.34
CA ALA A 37 7.69 8.05 -7.23
C ALA A 37 8.63 8.74 -8.21
N LYS A 38 8.14 9.02 -9.42
CA LYS A 38 8.92 9.71 -10.46
C LYS A 38 9.12 11.18 -10.12
N GLU A 39 8.30 11.70 -9.23
CA GLU A 39 8.38 13.10 -8.79
C GLU A 39 9.07 13.20 -7.43
N CYS A 40 9.32 12.06 -6.78
CA CYS A 40 9.91 12.00 -5.46
C CYS A 40 11.29 12.65 -5.42
N LYS A 41 11.77 12.94 -4.20
CA LYS A 41 12.98 13.73 -4.00
C LYS A 41 13.95 13.11 -3.01
N LEU A 42 13.64 11.90 -2.54
CA LEU A 42 14.51 11.12 -1.68
C LEU A 42 14.86 9.80 -2.36
N PRO A 43 15.83 9.04 -1.86
CA PRO A 43 16.23 7.77 -2.45
C PRO A 43 15.08 6.77 -2.31
N PRO A 44 15.14 5.64 -3.04
CA PRO A 44 14.04 4.70 -3.11
C PRO A 44 13.80 4.01 -1.77
N GLN A 45 12.87 4.55 -1.00
CA GLN A 45 12.46 3.94 0.25
C GLN A 45 11.77 2.62 -0.07
N PRO A 46 11.79 1.68 0.87
CA PRO A 46 11.10 0.42 0.71
C PRO A 46 9.61 0.67 0.85
N LYS A 47 8.83 0.19 -0.12
CA LYS A 47 7.39 0.31 -0.08
C LYS A 47 6.85 -0.73 0.89
N LYS A 48 6.36 -0.28 2.04
CA LYS A 48 5.89 -1.16 3.10
C LYS A 48 4.48 -1.68 2.81
N CYS A 49 4.12 -2.76 3.49
CA CYS A 49 2.79 -3.31 3.48
C CYS A 49 1.80 -2.22 3.92
N HIS A 50 0.80 -1.92 3.09
CA HIS A 50 -0.26 -0.96 3.35
C HIS A 50 -1.14 -1.43 4.51
N PHE A 51 -0.74 -2.50 5.19
CA PHE A 51 -1.61 -3.18 6.14
C PHE A 51 -0.93 -3.43 7.49
N CYS A 52 0.36 -3.77 7.46
CA CYS A 52 1.13 -4.00 8.68
C CYS A 52 2.46 -3.26 8.65
N GLN A 53 2.66 -2.45 7.61
CA GLN A 53 3.87 -1.65 7.36
C GLN A 53 5.14 -2.50 7.31
N SER A 54 5.03 -3.80 7.03
CA SER A 54 6.18 -4.67 6.90
C SER A 54 6.71 -4.65 5.47
N ILE A 55 7.94 -4.17 5.27
CA ILE A 55 8.63 -4.19 3.98
C ILE A 55 8.93 -5.62 3.52
N SER A 56 8.98 -6.56 4.46
CA SER A 56 9.22 -7.97 4.20
C SER A 56 8.30 -8.44 3.07
N HIS A 57 7.02 -8.09 3.15
CA HIS A 57 6.03 -8.47 2.17
C HIS A 57 5.23 -7.25 1.74
N MET A 58 4.08 -7.48 1.11
CA MET A 58 3.16 -6.44 0.70
C MET A 58 1.78 -6.81 1.22
N VAL A 59 0.84 -5.86 1.25
CA VAL A 59 -0.52 -6.17 1.66
C VAL A 59 -1.07 -7.27 0.77
N ALA A 60 -0.48 -7.39 -0.42
CA ALA A 60 -0.85 -8.41 -1.37
C ALA A 60 -0.59 -9.81 -0.83
N SER A 61 0.07 -9.87 0.32
CA SER A 61 0.50 -11.09 0.96
C SER A 61 0.43 -10.97 2.49
N CYS A 62 -0.14 -9.87 3.01
CA CYS A 62 -0.08 -9.62 4.46
C CYS A 62 -0.56 -10.85 5.24
N PRO A 63 0.18 -11.28 6.26
CA PRO A 63 -0.19 -12.42 7.08
C PRO A 63 -1.36 -12.05 7.99
N LEU A 64 -1.65 -10.75 8.13
CA LEU A 64 -2.73 -10.30 8.98
C LEU A 64 -4.04 -10.40 8.23
N LYS A 65 -4.14 -9.73 7.08
CA LYS A 65 -5.39 -9.62 6.34
C LYS A 65 -5.96 -11.00 6.02
N ALA A 66 -5.12 -12.04 6.08
CA ALA A 66 -5.56 -13.40 5.85
C ALA A 66 -6.67 -13.79 6.83
N GLN A 67 -6.83 -13.02 7.90
CA GLN A 67 -7.86 -13.22 8.90
C GLN A 67 -8.44 -11.89 9.39
N GLN A 68 -7.99 -10.75 8.85
CA GLN A 68 -8.62 -9.46 9.15
C GLN A 68 -9.48 -8.98 7.99
N GLY A 69 -9.20 -9.49 6.78
CA GLY A 69 -9.92 -9.09 5.58
C GLY A 69 -9.30 -9.71 4.32
N PRO A 70 -9.59 -11.00 4.06
CA PRO A 70 -9.12 -11.71 2.88
C PRO A 70 -9.43 -10.99 1.58
N SER A 71 -10.36 -10.03 1.62
CA SER A 71 -10.74 -9.20 0.48
C SER A 71 -11.26 -7.86 1.03
N ALA A 72 -11.43 -6.86 0.15
CA ALA A 72 -11.87 -5.54 0.55
C ALA A 72 -12.79 -4.92 -0.50
N GLN A 73 -13.29 -5.73 -1.43
CA GLN A 73 -14.17 -5.28 -2.49
C GLN A 73 -15.16 -6.39 -2.85
N GLY A 74 -16.30 -6.01 -3.43
CA GLY A 74 -17.33 -6.95 -3.84
C GLY A 74 -18.40 -6.25 -4.65
N PRO A 12 -9.51 -3.25 2.35
CA PRO A 12 -8.55 -2.23 1.90
C PRO A 12 -8.86 -0.85 2.49
N LYS A 13 -8.67 0.21 1.70
CA LYS A 13 -8.83 1.58 2.15
C LYS A 13 -9.66 2.38 1.14
N GLY A 14 -10.41 1.67 0.29
CA GLY A 14 -11.22 2.28 -0.75
C GLY A 14 -12.08 1.22 -1.45
N LYS A 15 -12.68 1.61 -2.58
CA LYS A 15 -13.54 0.74 -3.37
C LYS A 15 -13.22 0.88 -4.85
N SER A 16 -14.00 0.20 -5.70
CA SER A 16 -13.79 0.15 -7.15
C SER A 16 -12.47 -0.52 -7.50
N MET A 17 -12.26 -0.73 -8.80
CA MET A 17 -11.13 -1.47 -9.35
C MET A 17 -9.81 -1.06 -8.68
N GLN A 18 -9.15 -2.04 -8.06
CA GLN A 18 -7.83 -1.85 -7.47
C GLN A 18 -6.76 -1.93 -8.55
N LYS A 19 -7.16 -2.31 -9.76
CA LYS A 19 -6.26 -2.41 -10.90
C LYS A 19 -5.75 -1.03 -11.32
N ARG A 20 -6.39 0.03 -10.84
CA ARG A 20 -6.05 1.41 -11.14
C ARG A 20 -4.62 1.74 -10.69
N ARG A 21 -4.12 2.89 -11.13
CA ARG A 21 -2.76 3.32 -10.81
C ARG A 21 -2.73 4.75 -10.25
N SER A 22 -3.90 5.31 -10.01
CA SER A 22 -4.07 6.66 -9.49
C SER A 22 -5.24 6.74 -8.53
N LYS A 23 -5.63 5.61 -7.92
CA LYS A 23 -6.77 5.54 -7.01
C LYS A 23 -6.49 4.47 -5.97
N GLY A 24 -6.19 4.89 -4.75
CA GLY A 24 -5.87 3.98 -3.65
C GLY A 24 -4.37 3.78 -3.53
N ASP A 25 -3.57 4.70 -4.07
CA ASP A 25 -2.13 4.58 -4.13
C ASP A 25 -1.43 5.90 -3.83
N ARG A 26 -0.11 5.84 -3.63
CA ARG A 26 0.72 6.96 -3.21
C ARG A 26 2.08 6.89 -3.91
N CYS A 27 2.96 7.87 -3.64
CA CYS A 27 4.31 7.95 -4.18
C CYS A 27 5.03 6.60 -4.04
N TYR A 28 5.32 5.98 -5.18
CA TYR A 28 6.03 4.70 -5.26
C TYR A 28 7.48 4.82 -4.81
N ASN A 29 7.88 5.96 -4.24
CA ASN A 29 9.24 6.13 -3.78
C ASN A 29 9.32 6.38 -2.27
N CYS A 30 8.32 7.06 -1.69
CA CYS A 30 8.32 7.34 -0.26
C CYS A 30 7.05 6.85 0.41
N GLY A 31 5.91 7.00 -0.29
CA GLY A 31 4.60 6.63 0.21
C GLY A 31 3.74 7.85 0.50
N GLY A 32 4.16 9.03 0.03
CA GLY A 32 3.44 10.28 0.22
C GLY A 32 2.31 10.43 -0.78
N LEU A 33 1.37 11.35 -0.50
CA LEU A 33 0.17 11.52 -1.30
C LEU A 33 0.17 12.88 -1.99
N ASP A 34 0.91 13.82 -1.45
CA ASP A 34 0.97 15.17 -1.98
C ASP A 34 1.85 15.25 -3.22
N HIS A 35 2.39 14.10 -3.66
CA HIS A 35 3.25 14.01 -4.84
C HIS A 35 3.29 12.58 -5.34
N HIS A 36 4.19 12.30 -6.30
CA HIS A 36 4.39 10.97 -6.86
C HIS A 36 5.88 10.66 -6.88
N ALA A 37 6.25 9.40 -7.14
CA ALA A 37 7.63 8.95 -7.06
C ALA A 37 8.56 9.76 -7.97
N LYS A 38 8.05 10.22 -9.11
CA LYS A 38 8.82 11.03 -10.05
C LYS A 38 8.99 12.47 -9.59
N GLU A 39 8.29 12.83 -8.51
CA GLU A 39 8.42 14.14 -7.90
C GLU A 39 8.94 14.04 -6.47
N CYS A 40 9.20 12.82 -5.99
CA CYS A 40 9.75 12.59 -4.67
C CYS A 40 11.15 13.21 -4.56
N LYS A 41 11.63 13.36 -3.33
CA LYS A 41 12.86 14.09 -3.05
C LYS A 41 13.78 13.38 -2.06
N LEU A 42 13.42 12.15 -1.71
CA LEU A 42 14.24 11.27 -0.89
C LEU A 42 14.60 10.04 -1.72
N PRO A 43 15.58 9.24 -1.31
CA PRO A 43 16.02 8.06 -2.04
C PRO A 43 14.92 7.01 -2.01
N PRO A 44 15.02 5.97 -2.85
CA PRO A 44 13.98 4.97 -2.99
C PRO A 44 13.80 4.18 -1.70
N GLN A 45 12.76 4.54 -0.94
CA GLN A 45 12.40 3.83 0.27
C GLN A 45 11.84 2.47 -0.12
N PRO A 46 11.89 1.49 0.78
CA PRO A 46 11.34 0.18 0.53
C PRO A 46 9.81 0.27 0.60
N LYS A 47 9.14 -0.32 -0.40
CA LYS A 47 7.68 -0.38 -0.44
C LYS A 47 7.19 -1.35 0.62
N LYS A 48 6.69 -0.79 1.73
CA LYS A 48 6.16 -1.53 2.85
C LYS A 48 4.77 -2.07 2.54
N CYS A 49 4.33 -3.03 3.36
CA CYS A 49 2.97 -3.54 3.34
C CYS A 49 1.99 -2.39 3.63
N HIS A 50 1.00 -2.19 2.76
CA HIS A 50 -0.03 -1.18 2.94
C HIS A 50 -0.93 -1.48 4.13
N PHE A 51 -0.56 -2.47 4.95
CA PHE A 51 -1.45 -3.00 5.97
C PHE A 51 -0.81 -3.09 7.34
N CYS A 52 0.47 -3.46 7.38
CA CYS A 52 1.22 -3.54 8.63
C CYS A 52 2.58 -2.85 8.51
N GLN A 53 2.80 -2.22 7.36
CA GLN A 53 4.03 -1.53 6.99
C GLN A 53 5.28 -2.41 7.10
N SER A 54 5.12 -3.74 7.01
CA SER A 54 6.23 -4.66 7.04
C SER A 54 6.80 -4.83 5.62
N ILE A 55 8.01 -4.31 5.39
CA ILE A 55 8.73 -4.49 4.13
C ILE A 55 9.00 -5.97 3.84
N SER A 56 8.96 -6.79 4.88
CA SER A 56 9.11 -8.23 4.80
C SER A 56 8.25 -8.78 3.66
N HIS A 57 6.97 -8.37 3.64
CA HIS A 57 6.00 -8.84 2.67
C HIS A 57 5.25 -7.65 2.07
N MET A 58 4.12 -7.93 1.42
CA MET A 58 3.25 -6.94 0.85
C MET A 58 1.86 -7.17 1.40
N VAL A 59 0.98 -6.16 1.33
CA VAL A 59 -0.41 -6.35 1.73
C VAL A 59 -1.02 -7.49 0.93
N ALA A 60 -0.40 -7.78 -0.21
CA ALA A 60 -0.85 -8.84 -1.09
C ALA A 60 -0.76 -10.19 -0.39
N SER A 61 -0.06 -10.21 0.74
CA SER A 61 0.18 -11.42 1.51
C SER A 61 0.19 -11.11 3.01
N CYS A 62 -0.26 -9.93 3.42
CA CYS A 62 -0.18 -9.55 4.83
C CYS A 62 -0.73 -10.68 5.71
N PRO A 63 0.01 -11.07 6.75
CA PRO A 63 -0.42 -12.13 7.65
C PRO A 63 -1.56 -11.65 8.54
N LEU A 64 -1.82 -10.33 8.54
CA LEU A 64 -2.88 -9.77 9.36
C LEU A 64 -4.19 -9.80 8.62
N LYS A 65 -4.22 -9.28 7.39
CA LYS A 65 -5.47 -9.17 6.63
C LYS A 65 -6.16 -10.52 6.50
N ALA A 66 -5.42 -11.60 6.76
CA ALA A 66 -5.92 -12.95 6.69
C ALA A 66 -7.15 -13.16 7.57
N GLN A 67 -7.34 -12.27 8.54
CA GLN A 67 -8.50 -12.28 9.43
C GLN A 67 -8.93 -10.85 9.75
N GLN A 68 -8.57 -9.89 8.88
CA GLN A 68 -8.95 -8.49 9.05
C GLN A 68 -9.52 -7.92 7.76
N GLY A 69 -9.30 -8.61 6.64
CA GLY A 69 -9.78 -8.16 5.34
C GLY A 69 -9.34 -9.07 4.20
N PRO A 70 -9.67 -10.37 4.25
CA PRO A 70 -9.32 -11.35 3.23
C PRO A 70 -10.08 -11.10 1.92
N SER A 71 -10.97 -10.10 1.91
CA SER A 71 -11.71 -9.70 0.73
C SER A 71 -12.15 -8.24 0.89
N ALA A 72 -12.82 -7.70 -0.13
CA ALA A 72 -13.34 -6.33 -0.10
C ALA A 72 -14.65 -6.24 -0.89
N GLN A 73 -15.19 -7.38 -1.32
CA GLN A 73 -16.40 -7.47 -2.12
C GLN A 73 -16.41 -6.42 -3.24
N GLY A 74 -15.24 -6.21 -3.86
CA GLY A 74 -15.07 -5.28 -4.96
C GLY A 74 -13.65 -5.36 -5.49
N PRO A 12 -1.41 15.17 8.31
CA PRO A 12 -2.23 14.38 7.39
C PRO A 12 -1.88 12.89 7.43
N LYS A 13 -0.66 12.54 7.01
CA LYS A 13 -0.12 11.18 7.03
C LYS A 13 -1.08 10.13 6.44
N GLY A 14 -2.05 10.56 5.62
CA GLY A 14 -3.03 9.65 5.03
C GLY A 14 -4.34 10.36 4.72
N LYS A 15 -4.27 11.67 4.43
CA LYS A 15 -5.44 12.52 4.22
C LYS A 15 -5.16 13.55 3.14
N SER A 16 -6.20 14.31 2.77
CA SER A 16 -6.13 15.36 1.77
C SER A 16 -5.58 14.86 0.43
N MET A 17 -6.50 14.47 -0.46
CA MET A 17 -6.16 13.95 -1.78
C MET A 17 -7.13 14.51 -2.82
N GLN A 18 -6.65 14.67 -4.06
CA GLN A 18 -7.49 15.20 -5.14
C GLN A 18 -8.54 14.18 -5.55
N LYS A 19 -8.23 12.89 -5.37
CA LYS A 19 -9.07 11.74 -5.75
C LYS A 19 -9.82 11.96 -7.07
N ARG A 20 -9.22 12.70 -8.00
CA ARG A 20 -9.80 12.99 -9.30
C ARG A 20 -10.05 11.70 -10.07
N ARG A 21 -8.96 10.97 -10.28
CA ARG A 21 -8.91 9.65 -10.90
C ARG A 21 -7.69 8.91 -10.37
N SER A 22 -7.59 7.62 -10.68
CA SER A 22 -6.49 6.75 -10.32
C SER A 22 -5.92 7.08 -8.94
N LYS A 23 -6.75 6.94 -7.91
CA LYS A 23 -6.38 7.20 -6.53
C LYS A 23 -6.83 6.02 -5.67
N GLY A 24 -6.24 5.89 -4.48
CA GLY A 24 -6.42 4.73 -3.61
C GLY A 24 -5.07 4.05 -3.38
N ASP A 25 -4.00 4.67 -3.91
CA ASP A 25 -2.63 4.17 -3.84
C ASP A 25 -1.69 5.33 -3.55
N ARG A 26 -0.40 5.06 -3.41
CA ARG A 26 0.57 6.07 -2.97
C ARG A 26 1.87 5.97 -3.75
N CYS A 27 2.71 7.00 -3.65
CA CYS A 27 4.04 7.10 -4.23
C CYS A 27 4.81 5.82 -3.93
N TYR A 28 5.17 5.09 -5.00
CA TYR A 28 5.91 3.85 -4.93
C TYR A 28 7.36 4.07 -4.47
N ASN A 29 7.70 5.31 -4.09
CA ASN A 29 9.07 5.63 -3.69
C ASN A 29 9.14 6.09 -2.24
N CYS A 30 8.10 6.73 -1.71
CA CYS A 30 8.09 7.14 -0.31
C CYS A 30 6.88 6.59 0.43
N GLY A 31 5.72 6.62 -0.24
CA GLY A 31 4.47 6.19 0.36
C GLY A 31 3.54 7.39 0.59
N GLY A 32 3.72 8.47 -0.15
CA GLY A 32 2.87 9.65 -0.06
C GLY A 32 1.67 9.57 -1.02
N LEU A 33 0.67 10.41 -0.80
CA LEU A 33 -0.59 10.33 -1.53
C LEU A 33 -0.86 11.57 -2.37
N ASP A 34 -0.07 12.61 -2.14
CA ASP A 34 -0.22 13.88 -2.82
C ASP A 34 0.72 13.98 -4.02
N HIS A 35 1.45 12.90 -4.31
CA HIS A 35 2.39 12.84 -5.43
C HIS A 35 2.65 11.39 -5.85
N HIS A 36 3.62 11.17 -6.74
CA HIS A 36 3.99 9.84 -7.19
C HIS A 36 5.50 9.66 -7.16
N ALA A 37 5.97 8.43 -7.36
CA ALA A 37 7.38 8.08 -7.22
C ALA A 37 8.28 8.90 -8.13
N LYS A 38 7.74 9.36 -9.26
CA LYS A 38 8.47 10.16 -10.23
C LYS A 38 8.54 11.63 -9.81
N GLU A 39 7.70 11.99 -8.84
CA GLU A 39 7.66 13.34 -8.30
C GLU A 39 8.19 13.37 -6.86
N CYS A 40 8.57 12.20 -6.34
CA CYS A 40 9.13 12.08 -5.01
C CYS A 40 10.44 12.85 -4.89
N LYS A 41 10.90 13.10 -3.66
CA LYS A 41 12.05 13.94 -3.40
C LYS A 41 13.04 13.32 -2.41
N LEU A 42 12.80 12.07 -2.03
CA LEU A 42 13.69 11.29 -1.20
C LEU A 42 14.15 10.05 -1.97
N PRO A 43 15.18 9.34 -1.49
CA PRO A 43 15.69 8.15 -2.15
C PRO A 43 14.63 7.04 -2.10
N PRO A 44 14.79 5.97 -2.88
CA PRO A 44 13.79 4.92 -3.00
C PRO A 44 13.63 4.17 -1.69
N GLN A 45 12.60 4.55 -0.92
CA GLN A 45 12.25 3.86 0.29
C GLN A 45 11.72 2.47 -0.07
N PRO A 46 11.80 1.52 0.85
CA PRO A 46 11.28 0.19 0.63
C PRO A 46 9.76 0.24 0.72
N LYS A 47 9.10 -0.28 -0.31
CA LYS A 47 7.64 -0.34 -0.37
C LYS A 47 7.12 -1.29 0.70
N LYS A 48 6.83 -0.76 1.89
CA LYS A 48 6.29 -1.53 3.00
C LYS A 48 4.87 -1.99 2.71
N CYS A 49 4.44 -3.04 3.41
CA CYS A 49 3.06 -3.50 3.39
C CYS A 49 2.13 -2.34 3.76
N HIS A 50 1.16 -2.03 2.91
CA HIS A 50 0.18 -0.98 3.15
C HIS A 50 -0.77 -1.33 4.30
N PHE A 51 -0.46 -2.37 5.06
CA PHE A 51 -1.38 -2.92 6.03
C PHE A 51 -0.76 -3.13 7.40
N CYS A 52 0.54 -3.50 7.43
CA CYS A 52 1.25 -3.67 8.67
C CYS A 52 2.65 -3.02 8.61
N GLN A 53 2.90 -2.30 7.51
CA GLN A 53 4.15 -1.61 7.23
C GLN A 53 5.37 -2.52 7.29
N SER A 54 5.20 -3.82 7.06
CA SER A 54 6.30 -4.78 7.01
C SER A 54 6.82 -4.93 5.57
N ILE A 55 8.06 -4.52 5.32
CA ILE A 55 8.74 -4.72 4.04
C ILE A 55 8.97 -6.19 3.75
N SER A 56 8.93 -7.03 4.79
CA SER A 56 9.05 -8.48 4.67
C SER A 56 8.14 -9.01 3.57
N HIS A 57 6.88 -8.55 3.58
CA HIS A 57 5.87 -8.96 2.62
C HIS A 57 5.17 -7.73 2.04
N MET A 58 4.02 -7.93 1.42
CA MET A 58 3.21 -6.87 0.84
C MET A 58 1.80 -7.00 1.41
N VAL A 59 0.99 -5.94 1.33
CA VAL A 59 -0.41 -6.06 1.67
C VAL A 59 -1.05 -7.14 0.82
N ALA A 60 -0.41 -7.42 -0.33
CA ALA A 60 -0.85 -8.44 -1.24
C ALA A 60 -0.74 -9.83 -0.62
N SER A 61 -0.06 -9.89 0.53
CA SER A 61 0.22 -11.13 1.24
C SER A 61 0.20 -10.91 2.75
N CYS A 62 -0.33 -9.77 3.22
CA CYS A 62 -0.28 -9.46 4.65
C CYS A 62 -0.85 -10.63 5.46
N PRO A 63 -0.13 -11.07 6.51
CA PRO A 63 -0.59 -12.16 7.36
C PRO A 63 -1.77 -11.70 8.20
N LEU A 64 -1.97 -10.38 8.30
CA LEU A 64 -3.06 -9.85 9.09
C LEU A 64 -4.33 -9.86 8.28
N LYS A 65 -4.31 -9.30 7.06
CA LYS A 65 -5.54 -9.16 6.29
C LYS A 65 -6.21 -10.51 6.08
N ALA A 66 -5.45 -11.59 6.21
CA ALA A 66 -5.97 -12.94 6.00
C ALA A 66 -7.09 -13.28 6.98
N GLN A 67 -7.23 -12.48 8.04
CA GLN A 67 -8.25 -12.65 9.06
C GLN A 67 -8.82 -11.29 9.47
N GLN A 68 -8.56 -10.25 8.67
CA GLN A 68 -9.05 -8.91 8.93
C GLN A 68 -9.86 -8.39 7.73
N GLY A 69 -9.51 -8.83 6.53
CA GLY A 69 -10.16 -8.38 5.31
C GLY A 69 -9.54 -9.08 4.09
N PRO A 70 -9.75 -10.40 3.98
CA PRO A 70 -9.12 -11.26 2.98
C PRO A 70 -9.58 -10.99 1.55
N SER A 71 -10.40 -9.97 1.34
CA SER A 71 -10.89 -9.63 0.00
C SER A 71 -9.73 -9.28 -0.93
N ALA A 72 -9.95 -9.46 -2.23
CA ALA A 72 -8.93 -9.18 -3.24
C ALA A 72 -9.56 -8.85 -4.60
N GLN A 73 -10.88 -8.64 -4.63
CA GLN A 73 -11.67 -8.46 -5.85
C GLN A 73 -11.46 -9.58 -6.87
N GLY A 74 -12.24 -9.53 -7.95
CA GLY A 74 -12.21 -10.53 -9.01
C GLY A 74 -13.42 -10.40 -9.93
N PRO A 12 -15.93 -22.82 4.23
CA PRO A 12 -15.76 -21.74 3.26
C PRO A 12 -14.28 -21.42 3.02
N LYS A 13 -14.00 -20.81 1.87
CA LYS A 13 -12.64 -20.45 1.45
C LYS A 13 -12.64 -19.14 0.66
N GLY A 14 -13.81 -18.59 0.36
CA GLY A 14 -13.92 -17.35 -0.39
C GLY A 14 -15.35 -16.88 -0.55
N LYS A 15 -15.53 -15.78 -1.30
CA LYS A 15 -16.82 -15.16 -1.52
C LYS A 15 -16.86 -14.54 -2.91
N SER A 16 -18.04 -14.06 -3.33
CA SER A 16 -18.19 -13.39 -4.60
C SER A 16 -17.38 -12.10 -4.60
N MET A 17 -16.93 -11.67 -5.78
CA MET A 17 -16.08 -10.48 -5.89
C MET A 17 -16.10 -9.95 -7.33
N GLN A 18 -15.35 -8.86 -7.55
CA GLN A 18 -15.19 -8.23 -8.85
C GLN A 18 -13.74 -7.76 -8.99
N LYS A 19 -13.39 -7.23 -10.16
CA LYS A 19 -12.06 -6.71 -10.42
C LYS A 19 -12.16 -5.53 -11.39
N ARG A 20 -11.29 -4.54 -11.22
CA ARG A 20 -11.25 -3.34 -12.03
C ARG A 20 -9.79 -2.99 -12.29
N ARG A 21 -9.56 -2.01 -13.19
CA ARG A 21 -8.21 -1.55 -13.51
C ARG A 21 -7.68 -0.61 -12.45
N SER A 22 -8.33 -0.57 -11.29
CA SER A 22 -7.99 0.31 -10.19
C SER A 22 -6.51 0.21 -9.85
N LYS A 23 -5.83 1.34 -9.77
CA LYS A 23 -4.40 1.38 -9.49
C LYS A 23 -4.15 0.96 -8.04
N GLY A 24 -4.94 1.49 -7.12
CA GLY A 24 -4.95 1.02 -5.73
C GLY A 24 -3.61 1.13 -5.02
N ASP A 25 -2.73 2.05 -5.44
CA ASP A 25 -1.38 2.11 -4.89
C ASP A 25 -0.96 3.55 -4.58
N ARG A 26 0.32 3.73 -4.23
CA ARG A 26 0.89 4.98 -3.72
C ARG A 26 2.25 5.25 -4.36
N CYS A 27 2.85 6.39 -4.04
CA CYS A 27 4.19 6.78 -4.46
C CYS A 27 5.14 5.59 -4.32
N TYR A 28 5.62 5.07 -5.44
CA TYR A 28 6.52 3.92 -5.47
C TYR A 28 7.91 4.25 -4.94
N ASN A 29 8.09 5.43 -4.33
CA ASN A 29 9.38 5.83 -3.80
C ASN A 29 9.31 6.04 -2.28
N CYS A 30 8.16 6.45 -1.75
CA CYS A 30 8.00 6.64 -0.32
C CYS A 30 6.84 5.83 0.24
N GLY A 31 5.73 5.81 -0.50
CA GLY A 31 4.50 5.14 -0.11
C GLY A 31 3.40 6.14 0.22
N GLY A 32 3.51 7.39 -0.25
CA GLY A 32 2.53 8.43 0.00
C GLY A 32 1.47 8.48 -1.09
N LEU A 33 0.37 9.21 -0.85
CA LEU A 33 -0.80 9.14 -1.74
C LEU A 33 -1.08 10.47 -2.40
N ASP A 34 -0.59 11.55 -1.79
CA ASP A 34 -0.84 12.90 -2.27
C ASP A 34 0.09 13.23 -3.45
N HIS A 35 0.95 12.29 -3.84
CA HIS A 35 1.92 12.48 -4.92
C HIS A 35 2.34 11.14 -5.52
N HIS A 36 3.36 11.15 -6.38
CA HIS A 36 3.89 9.96 -7.01
C HIS A 36 5.42 9.92 -6.90
N ALA A 37 6.02 8.79 -7.25
CA ALA A 37 7.47 8.57 -7.06
C ALA A 37 8.31 9.60 -7.80
N LYS A 38 7.80 10.13 -8.92
CA LYS A 38 8.49 11.15 -9.71
C LYS A 38 8.35 12.53 -9.10
N GLU A 39 7.44 12.66 -8.13
CA GLU A 39 7.22 13.90 -7.40
C GLU A 39 7.71 13.81 -5.95
N CYS A 40 8.17 12.62 -5.55
CA CYS A 40 8.64 12.37 -4.20
C CYS A 40 9.85 13.25 -3.88
N LYS A 41 10.17 13.36 -2.60
CA LYS A 41 11.15 14.33 -2.10
C LYS A 41 12.16 13.73 -1.16
N LEU A 42 12.08 12.42 -0.95
CA LEU A 42 13.04 11.66 -0.14
C LEU A 42 13.72 10.62 -1.02
N PRO A 43 14.82 10.00 -0.54
CA PRO A 43 15.54 8.98 -1.28
C PRO A 43 14.67 7.74 -1.43
N PRO A 44 15.04 6.78 -2.29
CA PRO A 44 14.18 5.64 -2.58
C PRO A 44 13.97 4.76 -1.36
N GLN A 45 12.79 4.88 -0.74
CA GLN A 45 12.40 4.06 0.41
C GLN A 45 12.00 2.69 -0.11
N PRO A 46 12.01 1.68 0.77
CA PRO A 46 11.53 0.36 0.43
C PRO A 46 10.00 0.40 0.42
N LYS A 47 9.40 -0.26 -0.57
CA LYS A 47 7.95 -0.36 -0.65
C LYS A 47 7.46 -1.31 0.45
N LYS A 48 7.02 -0.73 1.57
CA LYS A 48 6.49 -1.48 2.70
C LYS A 48 5.06 -1.89 2.45
N CYS A 49 4.59 -2.88 3.21
CA CYS A 49 3.19 -3.26 3.23
C CYS A 49 2.33 -2.03 3.56
N HIS A 50 1.37 -1.71 2.70
CA HIS A 50 0.44 -0.60 2.88
C HIS A 50 -0.48 -0.84 4.08
N PHE A 51 -0.18 -1.86 4.90
CA PHE A 51 -1.11 -2.31 5.91
C PHE A 51 -0.46 -2.47 7.28
N CYS A 52 0.80 -2.94 7.31
CA CYS A 52 1.54 -3.09 8.55
C CYS A 52 2.94 -2.48 8.42
N GLN A 53 3.21 -1.88 7.26
CA GLN A 53 4.48 -1.25 6.93
C GLN A 53 5.66 -2.23 6.99
N SER A 54 5.39 -3.53 6.85
CA SER A 54 6.45 -4.53 6.81
C SER A 54 6.96 -4.70 5.39
N ILE A 55 8.24 -4.38 5.15
CA ILE A 55 8.90 -4.64 3.88
C ILE A 55 9.10 -6.13 3.62
N SER A 56 8.98 -6.94 4.68
CA SER A 56 9.06 -8.39 4.60
C SER A 56 8.12 -8.91 3.52
N HIS A 57 6.88 -8.42 3.52
CA HIS A 57 5.84 -8.80 2.59
C HIS A 57 5.18 -7.55 1.98
N MET A 58 3.99 -7.72 1.43
CA MET A 58 3.20 -6.64 0.85
C MET A 58 1.80 -6.75 1.41
N VAL A 59 1.01 -5.68 1.31
CA VAL A 59 -0.39 -5.74 1.70
C VAL A 59 -1.08 -6.83 0.90
N ALA A 60 -0.47 -7.17 -0.24
CA ALA A 60 -0.96 -8.22 -1.09
C ALA A 60 -0.90 -9.58 -0.43
N SER A 61 -0.23 -9.62 0.73
CA SER A 61 0.00 -10.83 1.49
C SER A 61 0.01 -10.54 2.99
N CYS A 62 -0.45 -9.36 3.41
CA CYS A 62 -0.38 -8.99 4.82
C CYS A 62 -1.01 -10.08 5.69
N PRO A 63 -0.33 -10.49 6.77
CA PRO A 63 -0.84 -11.48 7.69
C PRO A 63 -1.92 -10.88 8.59
N LEU A 64 -2.01 -9.55 8.63
CA LEU A 64 -2.99 -8.89 9.46
C LEU A 64 -4.34 -8.86 8.77
N LYS A 65 -4.37 -8.39 7.51
CA LYS A 65 -5.62 -8.24 6.79
C LYS A 65 -6.39 -9.54 6.70
N ALA A 66 -5.74 -10.65 7.02
CA ALA A 66 -6.38 -11.96 7.01
C ALA A 66 -7.56 -12.01 7.96
N GLN A 67 -7.66 -11.04 8.86
CA GLN A 67 -8.77 -10.92 9.79
C GLN A 67 -9.12 -9.44 10.00
N GLN A 68 -8.74 -8.59 9.04
CA GLN A 68 -9.04 -7.16 9.07
C GLN A 68 -9.55 -6.69 7.71
N GLY A 69 -9.40 -7.51 6.69
CA GLY A 69 -9.84 -7.20 5.33
C GLY A 69 -9.59 -8.37 4.37
N PRO A 70 -10.08 -9.58 4.70
CA PRO A 70 -9.95 -10.77 3.88
C PRO A 70 -10.78 -10.70 2.60
N SER A 71 -11.39 -9.55 2.32
CA SER A 71 -12.22 -9.31 1.16
C SER A 71 -11.49 -9.70 -0.12
N ALA A 72 -12.27 -10.13 -1.13
CA ALA A 72 -11.77 -10.57 -2.42
C ALA A 72 -10.65 -11.61 -2.32
N GLN A 73 -10.49 -12.23 -1.14
CA GLN A 73 -9.48 -13.24 -0.86
C GLN A 73 -8.08 -12.88 -1.35
N GLY A 74 -7.78 -11.58 -1.48
CA GLY A 74 -6.49 -11.12 -1.95
C GLY A 74 -6.34 -9.62 -1.73
N PRO A 12 -11.20 -9.22 12.01
CA PRO A 12 -12.57 -9.14 11.49
C PRO A 12 -12.65 -8.26 10.24
N LYS A 13 -13.62 -8.54 9.38
CA LYS A 13 -13.82 -7.80 8.13
C LYS A 13 -13.92 -6.30 8.39
N GLY A 14 -13.66 -5.51 7.36
CA GLY A 14 -13.69 -4.05 7.47
C GLY A 14 -13.08 -3.35 6.27
N LYS A 15 -12.18 -4.04 5.57
CA LYS A 15 -11.46 -3.47 4.44
C LYS A 15 -11.42 -4.48 3.29
N SER A 16 -11.27 -3.97 2.06
CA SER A 16 -11.29 -4.80 0.87
C SER A 16 -10.71 -4.05 -0.32
N MET A 17 -10.88 -4.60 -1.54
CA MET A 17 -10.38 -4.04 -2.78
C MET A 17 -11.42 -4.22 -3.90
N GLN A 18 -12.69 -4.06 -3.56
CA GLN A 18 -13.77 -4.18 -4.54
C GLN A 18 -13.80 -2.97 -5.47
N LYS A 19 -14.52 -3.11 -6.59
CA LYS A 19 -14.73 -2.09 -7.61
C LYS A 19 -13.47 -1.59 -8.32
N ARG A 20 -12.30 -1.63 -7.67
CA ARG A 20 -11.03 -1.16 -8.24
C ARG A 20 -9.88 -1.97 -7.68
N ARG A 21 -8.81 -2.12 -8.46
CA ARG A 21 -7.66 -2.91 -8.05
C ARG A 21 -6.75 -2.20 -7.05
N SER A 22 -7.16 -1.00 -6.64
CA SER A 22 -6.43 -0.22 -5.65
C SER A 22 -7.23 0.97 -5.15
N LYS A 23 -7.11 1.26 -3.86
CA LYS A 23 -7.67 2.44 -3.20
C LYS A 23 -6.80 2.73 -1.98
N GLY A 24 -6.77 3.99 -1.53
CA GLY A 24 -5.92 4.39 -0.43
C GLY A 24 -4.46 4.40 -0.85
N ASP A 25 -4.19 4.59 -2.14
CA ASP A 25 -2.87 4.51 -2.75
C ASP A 25 -1.81 5.37 -2.06
N ARG A 26 -0.55 5.01 -2.28
CA ARG A 26 0.60 5.73 -1.75
C ARG A 26 1.79 5.71 -2.71
N CYS A 27 2.65 6.72 -2.56
CA CYS A 27 3.91 6.89 -3.26
C CYS A 27 4.71 5.58 -3.24
N TYR A 28 4.99 5.05 -4.43
CA TYR A 28 5.77 3.83 -4.59
C TYR A 28 7.25 4.05 -4.27
N ASN A 29 7.64 5.26 -3.85
CA ASN A 29 9.04 5.57 -3.61
C ASN A 29 9.32 5.80 -2.13
N CYS A 30 8.36 6.37 -1.38
CA CYS A 30 8.55 6.61 0.04
C CYS A 30 7.47 5.91 0.85
N GLY A 31 6.23 5.93 0.34
CA GLY A 31 5.08 5.35 1.00
C GLY A 31 4.12 6.42 1.50
N GLY A 32 4.29 7.66 1.05
CA GLY A 32 3.41 8.76 1.43
C GLY A 32 2.10 8.69 0.66
N LEU A 33 1.09 9.46 1.08
CA LEU A 33 -0.23 9.41 0.50
C LEU A 33 -0.60 10.74 -0.17
N ASP A 34 0.03 11.81 0.27
CA ASP A 34 -0.22 13.15 -0.23
C ASP A 34 0.42 13.38 -1.59
N HIS A 35 1.14 12.39 -2.12
CA HIS A 35 1.86 12.51 -3.38
C HIS A 35 2.12 11.13 -4.00
N HIS A 36 2.89 11.11 -5.08
CA HIS A 36 3.27 9.87 -5.77
C HIS A 36 4.79 9.84 -6.00
N ALA A 37 5.31 8.69 -6.42
CA ALA A 37 6.74 8.44 -6.55
C ALA A 37 7.48 9.45 -7.42
N LYS A 38 6.82 10.01 -8.45
CA LYS A 38 7.45 11.00 -9.32
C LYS A 38 7.48 12.38 -8.67
N GLU A 39 6.68 12.56 -7.63
CA GLU A 39 6.60 13.80 -6.87
C GLU A 39 7.40 13.69 -5.57
N CYS A 40 7.89 12.49 -5.27
CA CYS A 40 8.65 12.22 -4.08
C CYS A 40 9.93 13.06 -4.06
N LYS A 41 10.56 13.17 -2.89
CA LYS A 41 11.73 14.04 -2.71
C LYS A 41 12.87 13.36 -1.97
N LEU A 42 12.73 12.06 -1.69
CA LEU A 42 13.79 11.26 -1.10
C LEU A 42 14.16 10.12 -2.06
N PRO A 43 15.29 9.43 -1.85
CA PRO A 43 15.74 8.34 -2.69
C PRO A 43 14.78 7.16 -2.55
N PRO A 44 14.90 6.14 -3.41
CA PRO A 44 13.96 5.03 -3.40
C PRO A 44 14.01 4.25 -2.10
N GLN A 45 13.03 4.51 -1.22
CA GLN A 45 12.87 3.78 0.03
C GLN A 45 12.32 2.40 -0.30
N PRO A 46 12.40 1.46 0.63
CA PRO A 46 11.75 0.17 0.46
C PRO A 46 10.25 0.37 0.54
N LYS A 47 9.53 -0.09 -0.47
CA LYS A 47 8.09 0.02 -0.54
C LYS A 47 7.46 -0.97 0.44
N LYS A 48 6.90 -0.45 1.53
CA LYS A 48 6.32 -1.26 2.59
C LYS A 48 4.92 -1.72 2.23
N CYS A 49 4.43 -2.67 3.02
CA CYS A 49 3.06 -3.14 2.96
C CYS A 49 2.11 -1.96 3.18
N HIS A 50 1.14 -1.76 2.29
CA HIS A 50 0.13 -0.72 2.42
C HIS A 50 -0.81 -1.00 3.57
N PHE A 51 -0.52 -1.99 4.40
CA PHE A 51 -1.47 -2.49 5.37
C PHE A 51 -0.88 -2.61 6.77
N CYS A 52 0.40 -2.94 6.86
CA CYS A 52 1.10 -3.00 8.13
C CYS A 52 2.49 -2.34 8.08
N GLN A 53 2.78 -1.70 6.95
CA GLN A 53 4.05 -1.06 6.65
C GLN A 53 5.27 -1.97 6.92
N SER A 54 5.08 -3.29 6.75
CA SER A 54 6.19 -4.23 6.83
C SER A 54 6.79 -4.45 5.44
N ILE A 55 8.07 -4.11 5.26
CA ILE A 55 8.82 -4.36 4.03
C ILE A 55 9.05 -5.84 3.81
N SER A 56 8.95 -6.64 4.88
CA SER A 56 9.07 -8.08 4.82
C SER A 56 8.21 -8.67 3.71
N HIS A 57 6.97 -8.20 3.61
CA HIS A 57 6.00 -8.64 2.62
C HIS A 57 5.34 -7.43 1.96
N MET A 58 4.22 -7.68 1.27
CA MET A 58 3.43 -6.65 0.63
C MET A 58 1.99 -6.82 1.11
N VAL A 59 1.14 -5.81 0.96
CA VAL A 59 -0.25 -5.95 1.30
C VAL A 59 -0.85 -7.10 0.51
N ALA A 60 -0.21 -7.41 -0.61
CA ALA A 60 -0.61 -8.48 -1.47
C ALA A 60 -0.52 -9.83 -0.77
N SER A 61 0.13 -9.82 0.40
CA SER A 61 0.40 -11.01 1.20
C SER A 61 0.30 -10.68 2.70
N CYS A 62 -0.22 -9.51 3.06
CA CYS A 62 -0.23 -9.11 4.47
C CYS A 62 -0.81 -10.21 5.35
N PRO A 63 -0.13 -10.56 6.46
CA PRO A 63 -0.60 -11.56 7.39
C PRO A 63 -1.79 -11.03 8.19
N LEU A 64 -2.03 -9.71 8.13
CA LEU A 64 -3.13 -9.11 8.84
C LEU A 64 -4.41 -9.19 8.01
N LYS A 65 -4.35 -8.78 6.74
CA LYS A 65 -5.55 -8.77 5.92
C LYS A 65 -6.17 -10.14 5.82
N ALA A 66 -5.43 -11.18 6.18
CA ALA A 66 -5.87 -12.55 6.12
C ALA A 66 -7.12 -12.79 6.97
N GLN A 67 -7.42 -11.84 7.87
CA GLN A 67 -8.62 -11.89 8.69
C GLN A 67 -9.21 -10.49 8.86
N GLN A 68 -8.76 -9.52 8.05
CA GLN A 68 -9.23 -8.15 8.09
C GLN A 68 -9.83 -7.74 6.75
N GLY A 69 -9.50 -8.51 5.71
CA GLY A 69 -9.99 -8.35 4.35
C GLY A 69 -9.38 -9.42 3.47
N PRO A 70 -9.68 -10.70 3.75
CA PRO A 70 -9.02 -11.85 3.16
C PRO A 70 -8.95 -11.83 1.63
N SER A 71 -9.95 -11.26 0.97
CA SER A 71 -9.97 -11.16 -0.48
C SER A 71 -11.01 -10.15 -0.94
N ALA A 72 -11.02 -9.85 -2.24
CA ALA A 72 -11.96 -8.92 -2.83
C ALA A 72 -12.32 -9.35 -4.26
N GLN A 73 -11.81 -10.51 -4.70
CA GLN A 73 -12.07 -11.02 -6.04
C GLN A 73 -13.55 -11.34 -6.19
N GLY A 74 -14.01 -11.48 -7.44
CA GLY A 74 -15.41 -11.77 -7.73
C GLY A 74 -15.68 -11.74 -9.22
N PRO A 12 -2.95 -2.12 11.05
CA PRO A 12 -3.83 -2.92 10.19
C PRO A 12 -4.80 -2.06 9.38
N LYS A 13 -5.54 -2.71 8.47
CA LYS A 13 -6.52 -2.06 7.60
C LYS A 13 -7.70 -2.99 7.39
N GLY A 14 -8.64 -2.60 6.53
CA GLY A 14 -9.86 -3.35 6.29
C GLY A 14 -10.11 -3.55 4.81
N LYS A 15 -11.25 -4.16 4.48
CA LYS A 15 -11.66 -4.50 3.12
C LYS A 15 -10.61 -5.35 2.40
N SER A 16 -10.88 -5.65 1.12
CA SER A 16 -9.98 -6.45 0.30
C SER A 16 -10.26 -6.23 -1.17
N MET A 17 -9.26 -6.56 -2.01
CA MET A 17 -9.35 -6.46 -3.45
C MET A 17 -8.56 -7.62 -4.06
N GLN A 18 -8.82 -7.93 -5.35
CA GLN A 18 -8.21 -9.08 -6.01
C GLN A 18 -7.83 -8.78 -7.45
N LYS A 19 -8.30 -7.66 -8.00
CA LYS A 19 -7.96 -7.26 -9.37
C LYS A 19 -8.03 -5.74 -9.54
N ARG A 20 -8.37 -5.02 -8.46
CA ARG A 20 -8.51 -3.58 -8.47
C ARG A 20 -7.90 -3.00 -7.18
N ARG A 21 -8.11 -1.71 -6.94
CA ARG A 21 -7.54 -1.02 -5.79
C ARG A 21 -8.57 -0.06 -5.21
N SER A 22 -8.18 0.66 -4.15
CA SER A 22 -9.05 1.62 -3.50
C SER A 22 -8.39 3.00 -3.52
N LYS A 23 -9.18 4.04 -3.28
CA LYS A 23 -8.70 5.41 -3.30
C LYS A 23 -7.75 5.68 -2.15
N GLY A 24 -7.04 6.81 -2.23
CA GLY A 24 -6.15 7.26 -1.18
C GLY A 24 -4.68 7.07 -1.53
N ASP A 25 -4.38 6.82 -2.81
CA ASP A 25 -3.01 6.60 -3.26
C ASP A 25 -2.09 7.79 -2.96
N ARG A 26 -0.79 7.51 -2.84
CA ARG A 26 0.23 8.48 -2.50
C ARG A 26 1.55 8.11 -3.19
N CYS A 27 2.58 8.96 -3.08
CA CYS A 27 3.91 8.71 -3.59
C CYS A 27 4.35 7.30 -3.23
N TYR A 28 4.54 6.46 -4.26
CA TYR A 28 4.90 5.06 -4.11
C TYR A 28 6.30 4.88 -3.52
N ASN A 29 6.97 5.97 -3.16
CA ASN A 29 8.31 5.89 -2.61
C ASN A 29 8.34 6.36 -1.15
N CYS A 30 7.63 7.43 -0.81
CA CYS A 30 7.76 7.99 0.53
C CYS A 30 6.42 7.99 1.25
N GLY A 31 5.35 8.22 0.51
CA GLY A 31 4.00 8.19 1.04
C GLY A 31 3.39 9.59 1.10
N GLY A 32 4.00 10.57 0.42
CA GLY A 32 3.47 11.91 0.35
C GLY A 32 2.31 11.99 -0.64
N LEU A 33 1.54 13.06 -0.60
CA LEU A 33 0.32 13.19 -1.38
C LEU A 33 0.41 14.33 -2.39
N ASP A 34 1.33 15.27 -2.13
CA ASP A 34 1.51 16.44 -2.97
C ASP A 34 2.39 16.11 -4.18
N HIS A 35 2.89 14.88 -4.26
CA HIS A 35 3.80 14.47 -5.33
C HIS A 35 3.71 12.96 -5.56
N HIS A 36 4.54 12.43 -6.46
CA HIS A 36 4.59 11.00 -6.77
C HIS A 36 6.02 10.49 -6.65
N ALA A 37 6.19 9.17 -6.69
CA ALA A 37 7.49 8.53 -6.48
C ALA A 37 8.56 9.04 -7.43
N LYS A 38 8.16 9.43 -8.64
CA LYS A 38 9.05 9.96 -9.66
C LYS A 38 9.41 11.43 -9.42
N GLU A 39 8.66 12.07 -8.52
CA GLU A 39 8.88 13.46 -8.15
C GLU A 39 9.42 13.59 -6.73
N CYS A 40 9.54 12.45 -6.02
CA CYS A 40 9.98 12.42 -4.64
C CYS A 40 11.36 13.07 -4.48
N LYS A 41 11.71 13.42 -3.24
CA LYS A 41 12.89 14.22 -2.96
C LYS A 41 13.85 13.54 -2.01
N LEU A 42 13.58 12.28 -1.70
CA LEU A 42 14.42 11.43 -0.86
C LEU A 42 14.86 10.23 -1.71
N PRO A 43 15.83 9.44 -1.23
CA PRO A 43 16.35 8.31 -1.98
C PRO A 43 15.28 7.25 -2.19
N PRO A 44 15.55 6.26 -3.05
CA PRO A 44 14.60 5.20 -3.35
C PRO A 44 14.38 4.34 -2.11
N GLN A 45 13.23 4.55 -1.47
CA GLN A 45 12.85 3.80 -0.29
C GLN A 45 12.33 2.42 -0.71
N PRO A 46 12.23 1.50 0.25
CA PRO A 46 11.53 0.26 0.07
C PRO A 46 10.04 0.52 0.23
N LYS A 47 9.24 -0.04 -0.67
CA LYS A 47 7.80 0.05 -0.56
C LYS A 47 7.35 -0.99 0.46
N LYS A 48 6.33 -0.64 1.24
CA LYS A 48 5.89 -1.45 2.37
C LYS A 48 4.47 -1.95 2.17
N CYS A 49 4.10 -2.94 2.98
CA CYS A 49 2.74 -3.46 3.01
C CYS A 49 1.75 -2.32 3.25
N HIS A 50 0.75 -2.20 2.37
CA HIS A 50 -0.31 -1.20 2.51
C HIS A 50 -1.20 -1.49 3.71
N PHE A 51 -0.82 -2.46 4.55
CA PHE A 51 -1.69 -2.98 5.58
C PHE A 51 -1.03 -3.04 6.95
N CYS A 52 0.28 -3.29 6.99
CA CYS A 52 1.03 -3.29 8.24
C CYS A 52 2.37 -2.55 8.11
N GLN A 53 2.60 -1.94 6.94
CA GLN A 53 3.82 -1.23 6.59
C GLN A 53 5.08 -2.07 6.81
N SER A 54 4.98 -3.39 6.63
CA SER A 54 6.12 -4.28 6.69
C SER A 54 6.68 -4.54 5.30
N ILE A 55 7.95 -4.19 5.07
CA ILE A 55 8.66 -4.49 3.82
C ILE A 55 8.96 -5.98 3.69
N SER A 56 8.90 -6.71 4.80
CA SER A 56 9.08 -8.15 4.83
C SER A 56 8.25 -8.81 3.74
N HIS A 57 6.97 -8.42 3.67
CA HIS A 57 6.01 -8.92 2.71
C HIS A 57 5.32 -7.74 2.02
N MET A 58 4.14 -8.00 1.43
CA MET A 58 3.31 -6.99 0.80
C MET A 58 1.89 -7.19 1.29
N VAL A 59 1.01 -6.21 1.15
CA VAL A 59 -0.39 -6.37 1.49
C VAL A 59 -0.95 -7.56 0.73
N ALA A 60 -0.31 -7.87 -0.39
CA ALA A 60 -0.71 -8.97 -1.23
C ALA A 60 -0.54 -10.31 -0.51
N SER A 61 0.12 -10.27 0.66
CA SER A 61 0.44 -11.43 1.46
C SER A 61 0.38 -11.10 2.95
N CYS A 62 -0.19 -9.94 3.31
CA CYS A 62 -0.17 -9.51 4.71
C CYS A 62 -0.68 -10.63 5.63
N PRO A 63 0.06 -10.91 6.71
CA PRO A 63 -0.33 -11.93 7.67
C PRO A 63 -1.52 -11.45 8.50
N LEU A 64 -1.81 -10.15 8.45
CA LEU A 64 -2.93 -9.59 9.16
C LEU A 64 -4.20 -9.74 8.35
N LYS A 65 -4.21 -9.30 7.09
CA LYS A 65 -5.43 -9.37 6.30
C LYS A 65 -5.93 -10.81 6.19
N ALA A 66 -5.03 -11.78 6.37
CA ALA A 66 -5.39 -13.18 6.33
C ALA A 66 -6.35 -13.54 7.45
N GLN A 67 -6.50 -12.64 8.41
CA GLN A 67 -7.33 -12.78 9.59
C GLN A 67 -8.06 -11.46 9.87
N GLN A 68 -8.12 -10.56 8.89
CA GLN A 68 -8.83 -9.30 9.00
C GLN A 68 -9.73 -9.08 7.79
N GLY A 69 -9.41 -9.73 6.67
CA GLY A 69 -10.19 -9.64 5.43
C GLY A 69 -9.69 -10.61 4.37
N PRO A 70 -9.61 -11.92 4.69
CA PRO A 70 -9.07 -12.92 3.80
C PRO A 70 -9.95 -13.16 2.58
N SER A 71 -11.24 -12.82 2.66
CA SER A 71 -12.23 -13.01 1.61
C SER A 71 -12.12 -14.35 0.89
N ALA A 72 -11.56 -15.35 1.57
CA ALA A 72 -11.37 -16.68 1.01
C ALA A 72 -11.02 -17.68 2.11
N GLN A 73 -11.01 -17.23 3.36
CA GLN A 73 -10.61 -18.00 4.53
C GLN A 73 -9.22 -18.64 4.35
N GLY A 74 -8.46 -18.20 3.34
CA GLY A 74 -7.15 -18.74 3.04
C GLY A 74 -6.65 -18.20 1.70
N PRO A 12 -4.74 -0.30 12.54
CA PRO A 12 -5.27 1.02 12.17
C PRO A 12 -4.87 1.42 10.74
N LYS A 13 -5.81 2.05 10.03
CA LYS A 13 -5.67 2.49 8.65
C LYS A 13 -5.13 1.42 7.71
N GLY A 14 -5.13 0.15 8.12
CA GLY A 14 -4.58 -0.93 7.31
C GLY A 14 -5.59 -1.44 6.29
N LYS A 15 -6.85 -1.60 6.73
CA LYS A 15 -7.91 -2.15 5.90
C LYS A 15 -8.31 -1.17 4.80
N SER A 16 -8.81 -1.70 3.69
CA SER A 16 -9.19 -0.90 2.53
C SER A 16 -10.02 -1.73 1.56
N MET A 17 -10.47 -1.13 0.46
CA MET A 17 -11.22 -1.83 -0.58
C MET A 17 -10.66 -1.50 -1.95
N GLN A 18 -9.39 -1.10 -1.97
CA GLN A 18 -8.68 -0.72 -3.18
C GLN A 18 -8.31 -1.96 -4.01
N LYS A 19 -7.90 -1.72 -5.25
CA LYS A 19 -7.50 -2.76 -6.20
C LYS A 19 -6.07 -2.47 -6.66
N ARG A 20 -5.56 -3.30 -7.58
CA ARG A 20 -4.19 -3.27 -8.10
C ARG A 20 -3.63 -1.86 -8.23
N ARG A 21 -4.36 -1.02 -8.96
CA ARG A 21 -4.10 0.41 -9.13
C ARG A 21 -5.21 1.05 -9.93
N SER A 22 -5.91 2.01 -9.32
CA SER A 22 -7.01 2.70 -9.98
C SER A 22 -7.45 3.94 -9.21
N LYS A 23 -7.23 3.99 -7.89
CA LYS A 23 -7.57 5.14 -7.06
C LYS A 23 -6.99 5.00 -5.67
N GLY A 24 -6.55 6.12 -5.09
CA GLY A 24 -6.03 6.16 -3.72
C GLY A 24 -4.65 5.52 -3.58
N ASP A 25 -4.03 5.10 -4.68
CA ASP A 25 -2.68 4.55 -4.65
C ASP A 25 -1.68 5.66 -4.30
N ARG A 26 -0.43 5.30 -4.02
CA ARG A 26 0.56 6.24 -3.52
C ARG A 26 1.91 6.08 -4.23
N CYS A 27 2.78 7.09 -4.06
CA CYS A 27 4.14 7.13 -4.57
C CYS A 27 4.85 5.81 -4.26
N TYR A 28 5.30 5.11 -5.31
CA TYR A 28 6.01 3.86 -5.20
C TYR A 28 7.44 4.06 -4.67
N ASN A 29 7.81 5.30 -4.33
CA ASN A 29 9.17 5.60 -3.89
C ASN A 29 9.21 6.04 -2.43
N CYS A 30 8.15 6.68 -1.92
CA CYS A 30 8.09 7.10 -0.54
C CYS A 30 6.85 6.54 0.16
N GLY A 31 5.71 6.59 -0.55
CA GLY A 31 4.43 6.17 -0.01
C GLY A 31 3.52 7.37 0.21
N GLY A 32 3.82 8.50 -0.44
CA GLY A 32 3.03 9.70 -0.37
C GLY A 32 1.86 9.66 -1.35
N LEU A 33 0.90 10.56 -1.18
CA LEU A 33 -0.32 10.54 -1.98
C LEU A 33 -0.44 11.80 -2.82
N ASP A 34 0.26 12.86 -2.41
CA ASP A 34 0.21 14.14 -3.11
C ASP A 34 1.06 14.12 -4.39
N HIS A 35 1.76 13.01 -4.65
CA HIS A 35 2.67 12.88 -5.77
C HIS A 35 2.89 11.42 -6.13
N HIS A 36 3.82 11.16 -7.06
CA HIS A 36 4.17 9.81 -7.49
C HIS A 36 5.69 9.63 -7.45
N ALA A 37 6.15 8.38 -7.64
CA ALA A 37 7.55 8.01 -7.47
C ALA A 37 8.48 8.81 -8.37
N LYS A 38 8.00 9.24 -9.54
CA LYS A 38 8.77 10.03 -10.49
C LYS A 38 8.82 11.49 -10.10
N GLU A 39 7.98 11.89 -9.15
CA GLU A 39 7.95 13.24 -8.62
C GLU A 39 8.53 13.30 -7.20
N CYS A 40 8.84 12.14 -6.63
CA CYS A 40 9.34 12.03 -5.26
C CYS A 40 10.62 12.85 -5.07
N LYS A 41 10.96 13.11 -3.82
CA LYS A 41 12.02 14.06 -3.48
C LYS A 41 13.01 13.52 -2.45
N LEU A 42 12.82 12.25 -2.05
CA LEU A 42 13.68 11.56 -1.11
C LEU A 42 14.30 10.34 -1.79
N PRO A 43 15.31 9.71 -1.18
CA PRO A 43 15.95 8.53 -1.74
C PRO A 43 14.95 7.37 -1.74
N PRO A 44 15.23 6.29 -2.48
CA PRO A 44 14.27 5.21 -2.69
C PRO A 44 13.95 4.47 -1.41
N GLN A 45 12.82 4.84 -0.78
CA GLN A 45 12.35 4.17 0.42
C GLN A 45 11.83 2.81 0.04
N PRO A 46 11.84 1.86 0.98
CA PRO A 46 11.27 0.55 0.76
C PRO A 46 9.77 0.66 0.90
N LYS A 47 9.05 0.14 -0.10
CA LYS A 47 7.59 0.16 -0.07
C LYS A 47 7.11 -0.87 0.93
N LYS A 48 6.70 -0.40 2.10
CA LYS A 48 6.19 -1.23 3.17
C LYS A 48 4.76 -1.68 2.90
N CYS A 49 4.34 -2.74 3.57
CA CYS A 49 2.96 -3.19 3.56
C CYS A 49 2.05 -2.04 4.00
N HIS A 50 1.04 -1.69 3.19
CA HIS A 50 0.06 -0.65 3.50
C HIS A 50 -0.83 -1.07 4.67
N PHE A 51 -0.47 -2.16 5.35
CA PHE A 51 -1.34 -2.78 6.33
C PHE A 51 -0.64 -3.06 7.65
N CYS A 52 0.64 -3.43 7.61
CA CYS A 52 1.43 -3.67 8.81
C CYS A 52 2.81 -3.01 8.71
N GLN A 53 3.00 -2.21 7.67
CA GLN A 53 4.25 -1.53 7.33
C GLN A 53 5.47 -2.47 7.33
N SER A 54 5.27 -3.76 7.05
CA SER A 54 6.37 -4.71 6.92
C SER A 54 6.87 -4.76 5.47
N ILE A 55 8.11 -4.31 5.24
CA ILE A 55 8.75 -4.41 3.93
C ILE A 55 9.00 -5.85 3.51
N SER A 56 8.96 -6.77 4.48
CA SER A 56 9.05 -8.19 4.25
C SER A 56 8.13 -8.63 3.13
N HIS A 57 6.87 -8.18 3.19
CA HIS A 57 5.84 -8.52 2.23
C HIS A 57 5.12 -7.24 1.80
N MET A 58 3.94 -7.41 1.19
CA MET A 58 3.09 -6.33 0.73
C MET A 58 1.70 -6.58 1.31
N VAL A 59 0.85 -5.56 1.35
CA VAL A 59 -0.53 -5.76 1.78
C VAL A 59 -1.17 -6.82 0.91
N ALA A 60 -0.63 -6.97 -0.30
CA ALA A 60 -1.09 -7.94 -1.25
C ALA A 60 -0.95 -9.37 -0.72
N SER A 61 -0.23 -9.49 0.39
CA SER A 61 0.05 -10.77 1.02
C SER A 61 0.09 -10.64 2.54
N CYS A 62 -0.38 -9.51 3.09
CA CYS A 62 -0.29 -9.29 4.53
C CYS A 62 -0.83 -10.48 5.29
N PRO A 63 -0.08 -10.99 6.28
CA PRO A 63 -0.52 -12.12 7.09
C PRO A 63 -1.63 -11.67 8.04
N LEU A 64 -1.83 -10.36 8.19
CA LEU A 64 -2.85 -9.86 9.08
C LEU A 64 -4.18 -9.79 8.34
N LYS A 65 -4.21 -9.16 7.17
CA LYS A 65 -5.48 -8.96 6.48
C LYS A 65 -6.17 -10.29 6.20
N ALA A 66 -5.41 -11.38 6.21
CA ALA A 66 -5.96 -12.70 5.99
C ALA A 66 -6.96 -13.08 7.09
N GLN A 67 -6.94 -12.31 8.17
CA GLN A 67 -7.78 -12.51 9.35
C GLN A 67 -8.33 -11.17 9.84
N GLN A 68 -8.17 -10.08 9.06
CA GLN A 68 -8.71 -8.77 9.41
C GLN A 68 -9.54 -8.20 8.26
N GLY A 69 -9.33 -8.68 7.03
CA GLY A 69 -10.01 -8.18 5.86
C GLY A 69 -9.61 -8.97 4.61
N PRO A 70 -9.87 -10.28 4.58
CA PRO A 70 -9.51 -11.17 3.48
C PRO A 70 -10.39 -10.89 2.24
N SER A 71 -11.29 -9.91 2.32
CA SER A 71 -12.16 -9.57 1.22
C SER A 71 -12.57 -8.10 1.30
N ALA A 72 -13.16 -7.60 0.22
CA ALA A 72 -13.66 -6.25 0.12
C ALA A 72 -14.99 -6.23 -0.65
N GLN A 73 -15.57 -7.41 -0.83
CA GLN A 73 -16.83 -7.58 -1.56
C GLN A 73 -17.73 -8.58 -0.84
N GLY A 74 -17.50 -8.78 0.46
CA GLY A 74 -18.29 -9.71 1.27
C GLY A 74 -17.93 -9.57 2.73
N PRO A 12 -3.18 6.86 7.83
CA PRO A 12 -3.66 7.96 7.01
C PRO A 12 -3.81 9.26 7.81
N LYS A 13 -3.24 10.36 7.29
CA LYS A 13 -3.36 11.66 7.92
C LYS A 13 -3.24 12.77 6.89
N GLY A 14 -3.74 13.96 7.23
CA GLY A 14 -3.69 15.11 6.34
C GLY A 14 -4.82 16.10 6.60
N LYS A 15 -5.01 17.04 5.67
CA LYS A 15 -6.05 18.06 5.74
C LYS A 15 -6.69 18.26 4.37
N SER A 16 -6.30 17.41 3.42
CA SER A 16 -6.76 17.47 2.05
C SER A 16 -6.76 16.06 1.48
N MET A 17 -7.19 15.91 0.22
CA MET A 17 -7.25 14.63 -0.45
C MET A 17 -7.01 14.84 -1.96
N GLN A 18 -6.94 13.74 -2.72
CA GLN A 18 -6.79 13.81 -4.16
C GLN A 18 -7.92 14.61 -4.78
N LYS A 19 -7.68 15.15 -5.98
CA LYS A 19 -8.63 16.03 -6.67
C LYS A 19 -9.01 15.42 -8.02
N ARG A 20 -8.57 14.18 -8.25
CA ARG A 20 -8.84 13.44 -9.47
C ARG A 20 -9.19 11.99 -9.12
N ARG A 21 -9.81 11.27 -10.05
CA ARG A 21 -10.16 9.87 -9.81
C ARG A 21 -8.92 9.00 -9.88
N SER A 22 -8.96 7.86 -9.17
CA SER A 22 -7.86 6.92 -9.13
C SER A 22 -8.36 5.58 -8.60
N LYS A 23 -7.68 4.49 -8.96
CA LYS A 23 -7.98 3.16 -8.46
C LYS A 23 -7.77 3.09 -6.95
N GLY A 24 -7.04 4.06 -6.39
CA GLY A 24 -6.64 4.07 -4.98
C GLY A 24 -5.13 4.03 -4.85
N ASP A 25 -4.42 4.21 -5.97
CA ASP A 25 -2.98 4.16 -6.04
C ASP A 25 -2.31 5.17 -5.12
N ARG A 26 -1.14 4.80 -4.59
CA ARG A 26 -0.30 5.67 -3.79
C ARG A 26 1.16 5.39 -4.11
N CYS A 27 1.98 6.43 -3.98
CA CYS A 27 3.41 6.39 -4.22
C CYS A 27 3.99 5.09 -3.69
N TYR A 28 4.46 4.24 -4.60
CA TYR A 28 5.06 2.97 -4.23
C TYR A 28 6.31 3.17 -3.39
N ASN A 29 6.83 4.41 -3.32
CA ASN A 29 8.08 4.64 -2.61
C ASN A 29 7.81 5.05 -1.17
N CYS A 30 6.83 5.93 -0.94
CA CYS A 30 6.63 6.48 0.38
C CYS A 30 5.23 6.17 0.90
N GLY A 31 4.25 6.16 -0.01
CA GLY A 31 2.88 5.82 0.31
C GLY A 31 1.96 7.03 0.25
N GLY A 32 2.42 8.13 -0.33
CA GLY A 32 1.59 9.31 -0.51
C GLY A 32 0.57 9.11 -1.63
N LEU A 33 -0.44 9.98 -1.70
CA LEU A 33 -1.54 9.85 -2.64
C LEU A 33 -1.56 11.04 -3.59
N ASP A 34 -1.01 12.17 -3.13
CA ASP A 34 -0.94 13.39 -3.91
C ASP A 34 0.18 13.29 -4.96
N HIS A 35 0.92 12.19 -4.96
CA HIS A 35 2.02 11.97 -5.87
C HIS A 35 2.29 10.48 -6.05
N HIS A 36 3.30 10.14 -6.86
CA HIS A 36 3.69 8.77 -7.13
C HIS A 36 5.19 8.60 -6.95
N ALA A 37 5.68 7.36 -7.01
CA ALA A 37 7.07 7.04 -6.71
C ALA A 37 8.04 7.78 -7.63
N LYS A 38 7.57 8.19 -8.80
CA LYS A 38 8.37 8.94 -9.77
C LYS A 38 8.40 10.43 -9.46
N GLU A 39 7.50 10.85 -8.57
CA GLU A 39 7.41 12.24 -8.11
C GLU A 39 7.70 12.37 -6.62
N CYS A 40 8.09 11.26 -5.98
CA CYS A 40 8.37 11.26 -4.56
C CYS A 40 9.43 12.29 -4.19
N LYS A 41 9.52 12.61 -2.90
CA LYS A 41 10.33 13.71 -2.42
C LYS A 41 11.36 13.29 -1.35
N LEU A 42 11.39 11.98 -1.06
CA LEU A 42 12.37 11.36 -0.19
C LEU A 42 13.17 10.33 -1.00
N PRO A 43 14.27 9.81 -0.45
CA PRO A 43 15.11 8.86 -1.18
C PRO A 43 14.36 7.56 -1.48
N PRO A 44 14.92 6.68 -2.31
CA PRO A 44 14.28 5.45 -2.71
C PRO A 44 14.15 4.51 -1.51
N GLN A 45 12.95 4.46 -0.94
CA GLN A 45 12.64 3.64 0.21
C GLN A 45 12.44 2.20 -0.21
N PRO A 46 12.42 1.28 0.74
CA PRO A 46 11.92 -0.06 0.51
C PRO A 46 10.40 0.04 0.53
N LYS A 47 9.73 -0.57 -0.44
CA LYS A 47 8.27 -0.54 -0.49
C LYS A 47 7.71 -1.46 0.59
N LYS A 48 7.34 -0.86 1.72
CA LYS A 48 6.75 -1.53 2.87
C LYS A 48 5.32 -1.95 2.55
N CYS A 49 4.79 -2.89 3.32
CA CYS A 49 3.39 -3.26 3.29
C CYS A 49 2.55 -2.04 3.66
N HIS A 50 1.64 -1.62 2.78
CA HIS A 50 0.74 -0.50 3.02
C HIS A 50 -0.26 -0.80 4.14
N PHE A 51 -0.03 -1.87 4.90
CA PHE A 51 -1.00 -2.34 5.87
C PHE A 51 -0.39 -2.61 7.24
N CYS A 52 0.87 -3.05 7.26
CA CYS A 52 1.60 -3.27 8.50
C CYS A 52 3.02 -2.68 8.43
N GLN A 53 3.30 -1.99 7.34
CA GLN A 53 4.58 -1.37 7.02
C GLN A 53 5.74 -2.36 7.06
N SER A 54 5.47 -3.65 6.89
CA SER A 54 6.51 -4.66 6.85
C SER A 54 7.07 -4.80 5.43
N ILE A 55 8.35 -4.42 5.24
CA ILE A 55 9.06 -4.60 3.98
C ILE A 55 9.25 -6.07 3.63
N SER A 56 9.08 -6.93 4.62
CA SER A 56 9.14 -8.37 4.46
C SER A 56 8.21 -8.82 3.32
N HIS A 57 6.98 -8.32 3.32
CA HIS A 57 5.95 -8.67 2.35
C HIS A 57 5.31 -7.40 1.78
N MET A 58 4.12 -7.56 1.19
CA MET A 58 3.34 -6.47 0.62
C MET A 58 1.93 -6.59 1.19
N VAL A 59 1.15 -5.51 1.16
CA VAL A 59 -0.24 -5.59 1.54
C VAL A 59 -0.95 -6.62 0.70
N ALA A 60 -0.37 -6.90 -0.47
CA ALA A 60 -0.91 -7.87 -1.40
C ALA A 60 -0.89 -9.27 -0.78
N SER A 61 -0.19 -9.40 0.35
CA SER A 61 -0.02 -10.64 1.07
C SER A 61 -0.05 -10.43 2.58
N CYS A 62 -0.44 -9.23 3.05
CA CYS A 62 -0.34 -8.92 4.48
C CYS A 62 -0.98 -10.04 5.30
N PRO A 63 -0.29 -10.52 6.33
CA PRO A 63 -0.79 -11.55 7.21
C PRO A 63 -1.88 -11.00 8.13
N LEU A 64 -2.04 -9.67 8.17
CA LEU A 64 -3.04 -9.06 9.01
C LEU A 64 -4.36 -8.94 8.27
N LYS A 65 -4.36 -8.38 7.06
CA LYS A 65 -5.59 -8.15 6.32
C LYS A 65 -6.39 -9.45 6.17
N ALA A 66 -5.73 -10.59 6.36
CA ALA A 66 -6.34 -11.90 6.24
C ALA A 66 -7.52 -12.09 7.18
N GLN A 67 -7.63 -11.21 8.18
CA GLN A 67 -8.74 -11.22 9.13
C GLN A 67 -9.13 -9.80 9.51
N GLN A 68 -8.71 -8.81 8.70
CA GLN A 68 -9.00 -7.40 8.97
C GLN A 68 -9.63 -6.73 7.75
N GLY A 69 -9.40 -7.29 6.55
CA GLY A 69 -9.86 -6.71 5.31
C GLY A 69 -9.40 -7.57 4.14
N PRO A 70 -9.80 -8.84 4.08
CA PRO A 70 -9.33 -9.78 3.08
C PRO A 70 -9.75 -9.37 1.67
N SER A 71 -10.72 -8.46 1.57
CA SER A 71 -11.24 -7.90 0.33
C SER A 71 -11.60 -8.96 -0.71
N ALA A 72 -11.85 -8.53 -1.94
CA ALA A 72 -12.20 -9.41 -3.05
C ALA A 72 -11.65 -8.86 -4.37
N GLN A 73 -10.66 -7.97 -4.26
CA GLN A 73 -10.07 -7.25 -5.38
C GLN A 73 -9.22 -8.13 -6.28
N GLY A 74 -9.18 -9.43 -6.01
CA GLY A 74 -8.37 -10.38 -6.75
C GLY A 74 -8.85 -11.81 -6.53
N PRO A 12 0.81 -6.22 15.90
CA PRO A 12 0.47 -5.40 14.73
C PRO A 12 -0.90 -5.73 14.15
N LYS A 13 -1.66 -4.69 13.79
CA LYS A 13 -2.98 -4.84 13.18
C LYS A 13 -3.31 -3.64 12.31
N GLY A 14 -4.37 -3.75 11.51
CA GLY A 14 -4.83 -2.66 10.65
C GLY A 14 -6.01 -3.08 9.78
N LYS A 15 -6.53 -2.14 8.99
CA LYS A 15 -7.65 -2.37 8.09
C LYS A 15 -7.49 -1.54 6.83
N SER A 16 -7.81 -2.13 5.68
CA SER A 16 -7.81 -1.42 4.40
C SER A 16 -8.54 -2.27 3.36
N MET A 17 -9.06 -1.62 2.31
CA MET A 17 -9.81 -2.26 1.24
C MET A 17 -9.55 -1.52 -0.07
N GLN A 18 -8.62 -2.04 -0.88
CA GLN A 18 -8.30 -1.51 -2.19
C GLN A 18 -7.96 -2.67 -3.12
N LYS A 19 -8.06 -2.43 -4.42
CA LYS A 19 -7.82 -3.43 -5.45
C LYS A 19 -7.26 -2.79 -6.73
N ARG A 20 -7.31 -1.46 -6.82
CA ARG A 20 -6.94 -0.73 -8.02
C ARG A 20 -6.31 0.62 -7.68
N ARG A 21 -5.75 1.28 -8.70
CA ARG A 21 -5.11 2.58 -8.56
C ARG A 21 -6.10 3.73 -8.75
N SER A 22 -7.38 3.42 -8.69
CA SER A 22 -8.43 4.41 -8.82
C SER A 22 -8.35 5.43 -7.69
N LYS A 23 -8.03 4.95 -6.48
CA LYS A 23 -7.81 5.76 -5.29
C LYS A 23 -6.90 5.00 -4.33
N GLY A 24 -6.40 5.72 -3.33
CA GLY A 24 -5.60 5.13 -2.26
C GLY A 24 -4.16 4.89 -2.68
N ASP A 25 -3.87 4.94 -3.99
CA ASP A 25 -2.52 4.81 -4.52
C ASP A 25 -1.70 6.02 -4.08
N ARG A 26 -0.38 5.83 -3.97
CA ARG A 26 0.52 6.86 -3.44
C ARG A 26 1.87 6.79 -4.13
N CYS A 27 2.72 7.79 -3.89
CA CYS A 27 4.09 7.86 -4.38
C CYS A 27 4.79 6.53 -4.13
N TYR A 28 5.12 5.82 -5.21
CA TYR A 28 5.80 4.54 -5.16
C TYR A 28 7.27 4.70 -4.81
N ASN A 29 7.67 5.86 -4.29
CA ASN A 29 9.04 6.08 -3.85
C ASN A 29 9.09 6.40 -2.35
N CYS A 30 8.09 7.09 -1.81
CA CYS A 30 8.03 7.40 -0.38
C CYS A 30 6.77 6.86 0.28
N GLY A 31 5.64 6.99 -0.42
CA GLY A 31 4.34 6.58 0.08
C GLY A 31 3.44 7.80 0.37
N GLY A 32 3.77 8.97 -0.18
CA GLY A 32 2.97 10.17 -0.01
C GLY A 32 1.85 10.24 -1.04
N LEU A 33 0.88 11.14 -0.85
CA LEU A 33 -0.31 11.18 -1.67
C LEU A 33 -0.43 12.48 -2.44
N ASP A 34 0.20 13.54 -1.96
CA ASP A 34 0.18 14.84 -2.61
C ASP A 34 1.08 14.85 -3.85
N HIS A 35 1.78 13.74 -4.11
CA HIS A 35 2.73 13.66 -5.21
C HIS A 35 2.91 12.22 -5.67
N HIS A 36 3.86 12.00 -6.58
CA HIS A 36 4.16 10.69 -7.16
C HIS A 36 5.65 10.42 -7.11
N ALA A 37 6.05 9.18 -7.40
CA ALA A 37 7.43 8.72 -7.27
C ALA A 37 8.40 9.54 -8.14
N LYS A 38 7.87 10.15 -9.20
CA LYS A 38 8.66 10.98 -10.11
C LYS A 38 8.83 12.39 -9.56
N GLU A 39 7.97 12.78 -8.62
CA GLU A 39 8.02 14.08 -7.96
C GLU A 39 8.58 13.98 -6.54
N CYS A 40 8.89 12.75 -6.11
CA CYS A 40 9.42 12.50 -4.79
C CYS A 40 10.74 13.21 -4.56
N LYS A 41 11.16 13.32 -3.30
CA LYS A 41 12.31 14.12 -2.91
C LYS A 41 13.31 13.36 -2.03
N LEU A 42 13.01 12.10 -1.73
CA LEU A 42 13.86 11.23 -0.93
C LEU A 42 14.28 10.02 -1.75
N PRO A 43 15.28 9.24 -1.30
CA PRO A 43 15.76 8.08 -2.01
C PRO A 43 14.66 7.00 -2.05
N PRO A 44 14.81 5.98 -2.90
CA PRO A 44 13.80 4.96 -3.10
C PRO A 44 13.60 4.13 -1.84
N GLN A 45 12.56 4.45 -1.07
CA GLN A 45 12.24 3.73 0.14
C GLN A 45 11.76 2.31 -0.23
N PRO A 46 11.87 1.36 0.69
CA PRO A 46 11.42 0.01 0.47
C PRO A 46 9.89 -0.02 0.50
N LYS A 47 9.29 -0.68 -0.48
CA LYS A 47 7.85 -0.84 -0.56
C LYS A 47 7.36 -1.65 0.65
N LYS A 48 6.91 -0.95 1.69
CA LYS A 48 6.33 -1.57 2.87
C LYS A 48 4.91 -2.01 2.56
N CYS A 49 4.40 -2.97 3.35
CA CYS A 49 3.03 -3.42 3.28
C CYS A 49 2.10 -2.24 3.53
N HIS A 50 1.13 -2.02 2.62
CA HIS A 50 0.13 -0.97 2.77
C HIS A 50 -0.82 -1.24 3.93
N PHE A 51 -0.53 -2.27 4.74
CA PHE A 51 -1.46 -2.78 5.72
C PHE A 51 -0.85 -2.94 7.10
N CYS A 52 0.44 -3.29 7.16
CA CYS A 52 1.15 -3.39 8.43
C CYS A 52 2.50 -2.70 8.37
N GLN A 53 2.82 -2.08 7.23
CA GLN A 53 4.07 -1.40 6.94
C GLN A 53 5.30 -2.30 7.07
N SER A 54 5.12 -3.62 6.92
CA SER A 54 6.23 -4.56 6.95
C SER A 54 6.79 -4.75 5.54
N ILE A 55 8.04 -4.36 5.30
CA ILE A 55 8.74 -4.60 4.06
C ILE A 55 8.97 -6.09 3.80
N SER A 56 8.92 -6.89 4.86
CA SER A 56 9.06 -8.33 4.80
C SER A 56 8.19 -8.94 3.71
N HIS A 57 6.94 -8.48 3.64
CA HIS A 57 5.96 -8.92 2.66
C HIS A 57 5.29 -7.71 2.03
N MET A 58 4.12 -7.93 1.42
CA MET A 58 3.32 -6.90 0.81
C MET A 58 1.90 -7.06 1.31
N VAL A 59 1.06 -6.02 1.21
CA VAL A 59 -0.33 -6.15 1.57
C VAL A 59 -0.96 -7.25 0.75
N ALA A 60 -0.35 -7.52 -0.41
CA ALA A 60 -0.79 -8.56 -1.31
C ALA A 60 -0.65 -9.94 -0.67
N SER A 61 0.01 -9.97 0.49
CA SER A 61 0.29 -11.18 1.24
C SER A 61 0.22 -10.94 2.74
N CYS A 62 -0.27 -9.77 3.17
CA CYS A 62 -0.23 -9.43 4.59
C CYS A 62 -0.79 -10.57 5.44
N PRO A 63 -0.05 -10.98 6.48
CA PRO A 63 -0.46 -12.06 7.36
C PRO A 63 -1.60 -11.58 8.25
N LEU A 64 -1.81 -10.27 8.33
CA LEU A 64 -2.86 -9.71 9.16
C LEU A 64 -4.18 -9.77 8.42
N LYS A 65 -4.24 -9.19 7.21
CA LYS A 65 -5.49 -9.07 6.48
C LYS A 65 -6.15 -10.43 6.28
N ALA A 66 -5.38 -11.50 6.42
CA ALA A 66 -5.90 -12.85 6.30
C ALA A 66 -6.97 -13.13 7.36
N GLN A 67 -7.08 -12.25 8.35
CA GLN A 67 -8.06 -12.33 9.41
C GLN A 67 -8.60 -10.93 9.76
N GLN A 68 -8.28 -9.93 8.93
CA GLN A 68 -8.78 -8.57 9.15
C GLN A 68 -9.54 -8.05 7.93
N GLY A 69 -9.31 -8.65 6.77
CA GLY A 69 -9.93 -8.23 5.52
C GLY A 69 -9.49 -9.07 4.35
N PRO A 70 -9.74 -10.39 4.38
CA PRO A 70 -9.34 -11.32 3.34
C PRO A 70 -10.17 -11.17 2.06
N SER A 71 -11.13 -10.23 2.06
CA SER A 71 -12.07 -10.04 0.97
C SER A 71 -12.95 -11.27 0.77
N ALA A 72 -13.90 -11.20 -0.16
CA ALA A 72 -14.85 -12.27 -0.43
C ALA A 72 -15.53 -12.79 0.84
N GLN A 73 -15.59 -11.99 1.90
CA GLN A 73 -16.21 -12.35 3.17
C GLN A 73 -16.91 -11.15 3.81
N GLY A 74 -17.01 -10.05 3.08
CA GLY A 74 -17.63 -8.81 3.55
C GLY A 74 -17.52 -7.72 2.49
N PRO A 12 -13.71 -18.74 4.23
CA PRO A 12 -13.37 -17.32 4.00
C PRO A 12 -14.23 -16.70 2.91
N LYS A 13 -14.63 -15.44 3.12
CA LYS A 13 -15.49 -14.71 2.21
C LYS A 13 -15.21 -13.22 2.37
N GLY A 14 -15.32 -12.45 1.29
CA GLY A 14 -15.12 -11.01 1.33
C GLY A 14 -14.96 -10.39 -0.05
N LYS A 15 -14.38 -11.18 -0.94
CA LYS A 15 -14.08 -10.84 -2.32
C LYS A 15 -13.23 -9.57 -2.48
N SER A 16 -12.57 -9.46 -3.64
CA SER A 16 -11.75 -8.32 -3.98
C SER A 16 -11.35 -8.40 -5.46
N MET A 17 -10.63 -7.39 -5.95
CA MET A 17 -10.21 -7.33 -7.35
C MET A 17 -8.77 -6.86 -7.43
N GLN A 18 -8.26 -6.70 -8.66
CA GLN A 18 -6.93 -6.18 -8.90
C GLN A 18 -6.97 -5.18 -10.04
N LYS A 19 -6.01 -4.25 -10.06
CA LYS A 19 -5.92 -3.20 -11.05
C LYS A 19 -4.47 -2.76 -11.16
N ARG A 20 -4.16 -1.85 -12.09
CA ARG A 20 -2.81 -1.34 -12.28
C ARG A 20 -2.86 0.14 -12.65
N ARG A 21 -1.87 0.89 -12.16
CA ARG A 21 -1.66 2.31 -12.47
C ARG A 21 -2.89 3.20 -12.34
N SER A 22 -3.94 2.65 -11.73
CA SER A 22 -5.19 3.36 -11.51
C SER A 22 -4.98 4.54 -10.57
N LYS A 23 -5.70 5.63 -10.81
CA LYS A 23 -5.66 6.81 -9.96
C LYS A 23 -6.39 6.51 -8.65
N GLY A 24 -5.97 7.12 -7.55
CA GLY A 24 -6.52 6.83 -6.24
C GLY A 24 -5.45 6.29 -5.29
N ASP A 25 -4.18 6.50 -5.63
CA ASP A 25 -3.05 6.05 -4.83
C ASP A 25 -2.06 7.21 -4.69
N ARG A 26 -0.88 6.94 -4.12
CA ARG A 26 0.08 7.98 -3.76
C ARG A 26 1.48 7.61 -4.27
N CYS A 27 2.46 8.48 -4.01
CA CYS A 27 3.87 8.26 -4.31
C CYS A 27 4.27 6.84 -3.88
N TYR A 28 4.61 6.01 -4.88
CA TYR A 28 5.01 4.62 -4.64
C TYR A 28 6.35 4.53 -3.91
N ASN A 29 6.93 5.66 -3.51
CA ASN A 29 8.20 5.65 -2.81
C ASN A 29 8.01 6.07 -1.35
N CYS A 30 7.20 7.10 -1.09
CA CYS A 30 7.09 7.62 0.26
C CYS A 30 5.65 7.56 0.76
N GLY A 31 4.70 7.79 -0.16
CA GLY A 31 3.29 7.74 0.15
C GLY A 31 2.64 9.12 0.12
N GLY A 32 3.36 10.14 -0.36
CA GLY A 32 2.80 11.48 -0.51
C GLY A 32 1.86 11.55 -1.70
N LEU A 33 0.93 12.51 -1.69
CA LEU A 33 -0.13 12.57 -2.69
C LEU A 33 0.09 13.73 -3.65
N ASP A 34 0.82 14.76 -3.21
CA ASP A 34 1.10 15.92 -4.01
C ASP A 34 2.16 15.63 -5.08
N HIS A 35 2.74 14.43 -5.07
CA HIS A 35 3.78 14.05 -6.00
C HIS A 35 3.75 12.55 -6.26
N HIS A 36 4.73 12.05 -7.03
CA HIS A 36 4.87 10.65 -7.35
C HIS A 36 6.30 10.19 -7.05
N ALA A 37 6.54 8.88 -7.10
CA ALA A 37 7.81 8.28 -6.71
C ALA A 37 9.00 8.82 -7.50
N LYS A 38 8.75 9.46 -8.65
CA LYS A 38 9.79 10.02 -9.50
C LYS A 38 10.03 11.48 -9.21
N GLU A 39 9.14 12.09 -8.43
CA GLU A 39 9.28 13.48 -8.00
C GLU A 39 9.45 13.55 -6.48
N CYS A 40 9.49 12.40 -5.82
CA CYS A 40 9.66 12.32 -4.38
C CYS A 40 10.93 13.05 -3.96
N LYS A 41 10.97 13.50 -2.71
CA LYS A 41 12.01 14.40 -2.22
C LYS A 41 12.96 13.72 -1.24
N LEU A 42 12.79 12.42 -1.04
CA LEU A 42 13.62 11.60 -0.17
C LEU A 42 14.28 10.49 -1.01
N PRO A 43 15.26 9.77 -0.47
CA PRO A 43 15.96 8.73 -1.20
C PRO A 43 15.03 7.59 -1.60
N PRO A 44 15.49 6.67 -2.46
CA PRO A 44 14.69 5.56 -2.94
C PRO A 44 14.36 4.62 -1.79
N GLN A 45 13.11 4.69 -1.34
CA GLN A 45 12.60 3.90 -0.23
C GLN A 45 12.22 2.51 -0.69
N PRO A 46 11.96 1.60 0.25
CA PRO A 46 11.31 0.32 0.00
C PRO A 46 9.82 0.59 -0.18
N LYS A 47 9.02 -0.46 -0.40
CA LYS A 47 7.58 -0.36 -0.43
C LYS A 47 7.01 -1.31 0.61
N LYS A 48 6.51 -0.73 1.71
CA LYS A 48 6.01 -1.48 2.85
C LYS A 48 4.60 -1.99 2.60
N CYS A 49 4.21 -3.01 3.36
CA CYS A 49 2.84 -3.48 3.40
C CYS A 49 1.93 -2.31 3.77
N HIS A 50 0.92 -2.04 2.93
CA HIS A 50 -0.05 -0.97 3.15
C HIS A 50 -0.98 -1.30 4.33
N PHE A 51 -0.62 -2.31 5.11
CA PHE A 51 -1.51 -2.86 6.12
C PHE A 51 -0.83 -3.02 7.48
N CYS A 52 0.48 -3.34 7.48
CA CYS A 52 1.24 -3.45 8.71
C CYS A 52 2.60 -2.74 8.59
N GLN A 53 2.83 -2.11 7.44
CA GLN A 53 4.06 -1.41 7.08
C GLN A 53 5.30 -2.31 7.09
N SER A 54 5.12 -3.63 6.95
CA SER A 54 6.23 -4.57 6.86
C SER A 54 6.71 -4.69 5.42
N ILE A 55 7.95 -4.28 5.15
CA ILE A 55 8.59 -4.48 3.85
C ILE A 55 8.86 -5.96 3.58
N SER A 56 8.84 -6.76 4.63
CA SER A 56 8.98 -8.21 4.56
C SER A 56 8.08 -8.78 3.48
N HIS A 57 6.82 -8.35 3.49
CA HIS A 57 5.79 -8.80 2.56
C HIS A 57 5.04 -7.60 1.98
N MET A 58 3.85 -7.86 1.44
CA MET A 58 2.98 -6.84 0.89
C MET A 58 1.60 -7.03 1.50
N VAL A 59 0.74 -6.01 1.44
CA VAL A 59 -0.64 -6.19 1.87
C VAL A 59 -1.27 -7.32 1.07
N ALA A 60 -0.70 -7.60 -0.10
CA ALA A 60 -1.14 -8.66 -0.96
C ALA A 60 -0.92 -10.02 -0.31
N SER A 61 -0.22 -10.01 0.82
CA SER A 61 0.16 -11.21 1.56
C SER A 61 0.20 -10.96 3.05
N CYS A 62 -0.32 -9.82 3.52
CA CYS A 62 -0.22 -9.46 4.93
C CYS A 62 -0.70 -10.61 5.82
N PRO A 63 0.06 -10.98 6.86
CA PRO A 63 -0.31 -12.02 7.79
C PRO A 63 -1.43 -11.54 8.72
N LEU A 64 -1.69 -10.24 8.74
CA LEU A 64 -2.73 -9.68 9.60
C LEU A 64 -4.08 -9.75 8.91
N LYS A 65 -4.15 -9.30 7.66
CA LYS A 65 -5.42 -9.27 6.95
C LYS A 65 -6.04 -10.66 6.88
N ALA A 66 -5.26 -11.69 7.15
CA ALA A 66 -5.74 -13.06 7.11
C ALA A 66 -6.92 -13.27 8.04
N GLN A 67 -7.12 -12.35 8.99
CA GLN A 67 -8.25 -12.39 9.89
C GLN A 67 -8.80 -10.98 10.14
N GLN A 68 -8.38 -10.01 9.31
CA GLN A 68 -8.80 -8.62 9.42
C GLN A 68 -9.42 -8.12 8.12
N GLY A 69 -9.22 -8.90 7.04
CA GLY A 69 -9.72 -8.60 5.71
C GLY A 69 -9.20 -9.66 4.73
N PRO A 70 -9.53 -10.95 4.95
CA PRO A 70 -8.97 -12.08 4.24
C PRO A 70 -9.33 -12.14 2.76
N SER A 71 -10.01 -11.15 2.22
CA SER A 71 -10.36 -11.12 0.81
C SER A 71 -9.13 -11.39 -0.04
N ALA A 72 -9.25 -12.32 -0.98
CA ALA A 72 -8.18 -12.73 -1.87
C ALA A 72 -8.78 -13.27 -3.17
N GLN A 73 -9.31 -12.35 -3.99
CA GLN A 73 -10.13 -12.65 -5.16
C GLN A 73 -11.30 -13.56 -4.81
N GLY A 74 -11.66 -13.58 -3.52
CA GLY A 74 -12.76 -14.36 -2.97
C GLY A 74 -12.90 -14.06 -1.49
N PRO A 12 -0.99 0.00 16.12
CA PRO A 12 -0.94 -0.41 14.70
C PRO A 12 -1.40 0.72 13.77
N LYS A 13 -0.97 0.66 12.50
CA LYS A 13 -1.31 1.67 11.50
C LYS A 13 -1.47 1.02 10.13
N GLY A 14 -1.83 1.82 9.13
CA GLY A 14 -1.99 1.33 7.77
C GLY A 14 -2.40 2.45 6.82
N LYS A 15 -2.62 2.10 5.55
CA LYS A 15 -3.03 3.01 4.50
C LYS A 15 -4.06 2.30 3.62
N SER A 16 -4.60 3.00 2.63
CA SER A 16 -5.68 2.47 1.81
C SER A 16 -5.52 2.91 0.36
N MET A 17 -6.58 2.75 -0.43
CA MET A 17 -6.55 3.05 -1.86
C MET A 17 -7.71 3.96 -2.24
N GLN A 18 -7.80 4.30 -3.53
CA GLN A 18 -8.85 5.13 -4.08
C GLN A 18 -9.32 4.55 -5.41
N LYS A 19 -10.32 5.15 -6.04
CA LYS A 19 -10.86 4.66 -7.30
C LYS A 19 -9.80 4.67 -8.39
N ARG A 20 -9.95 3.78 -9.38
CA ARG A 20 -8.99 3.61 -10.46
C ARG A 20 -8.90 4.85 -11.34
N ARG A 21 -9.98 5.63 -11.38
CA ARG A 21 -10.07 6.90 -12.09
C ARG A 21 -9.46 8.05 -11.29
N SER A 22 -8.72 7.72 -10.26
CA SER A 22 -8.15 8.68 -9.32
C SER A 22 -6.71 8.28 -8.95
N LYS A 23 -6.01 7.62 -9.88
CA LYS A 23 -4.66 7.08 -9.72
C LYS A 23 -4.67 5.85 -8.84
N GLY A 24 -5.64 5.80 -7.93
CA GLY A 24 -5.97 4.66 -7.10
C GLY A 24 -4.98 4.40 -5.97
N ASP A 25 -3.71 4.77 -6.16
CA ASP A 25 -2.68 4.58 -5.16
C ASP A 25 -1.76 5.79 -5.14
N ARG A 26 -0.66 5.73 -4.39
CA ARG A 26 0.23 6.85 -4.15
C ARG A 26 1.61 6.55 -4.73
N CYS A 27 2.54 7.50 -4.60
CA CYS A 27 3.92 7.39 -5.06
C CYS A 27 4.53 6.05 -4.64
N TYR A 28 4.89 5.24 -5.65
CA TYR A 28 5.53 3.94 -5.46
C TYR A 28 6.97 4.09 -4.97
N ASN A 29 7.37 5.27 -4.51
CA ASN A 29 8.69 5.44 -3.93
C ASN A 29 8.60 5.87 -2.48
N CYS A 30 7.65 6.73 -2.13
CA CYS A 30 7.54 7.26 -0.78
C CYS A 30 6.17 7.00 -0.18
N GLY A 31 5.13 7.12 -1.00
CA GLY A 31 3.75 6.93 -0.59
C GLY A 31 2.97 8.23 -0.56
N GLY A 32 3.50 9.30 -1.16
CA GLY A 32 2.82 10.59 -1.26
C GLY A 32 1.79 10.61 -2.38
N LEU A 33 0.90 11.60 -2.39
CA LEU A 33 -0.24 11.60 -3.30
C LEU A 33 -0.16 12.75 -4.29
N ASP A 34 0.57 13.81 -3.95
CA ASP A 34 0.71 14.97 -4.80
C ASP A 34 1.67 14.68 -5.96
N HIS A 35 2.22 13.47 -6.02
CA HIS A 35 3.21 13.09 -7.03
C HIS A 35 3.27 11.58 -7.21
N HIS A 36 4.26 11.11 -7.98
CA HIS A 36 4.49 9.69 -8.24
C HIS A 36 5.96 9.34 -8.06
N ALA A 37 6.29 8.05 -8.09
CA ALA A 37 7.63 7.54 -7.82
C ALA A 37 8.69 8.11 -8.75
N LYS A 38 8.28 8.60 -9.93
CA LYS A 38 9.18 9.21 -10.90
C LYS A 38 9.32 10.71 -10.68
N GLU A 39 8.50 11.25 -9.78
CA GLU A 39 8.53 12.66 -9.40
C GLU A 39 8.93 12.83 -7.93
N CYS A 40 9.17 11.72 -7.24
CA CYS A 40 9.55 11.72 -5.83
C CYS A 40 10.81 12.55 -5.60
N LYS A 41 11.08 12.90 -4.33
CA LYS A 41 12.15 13.83 -4.00
C LYS A 41 13.08 13.30 -2.92
N LEU A 42 12.84 12.06 -2.49
CA LEU A 42 13.65 11.38 -1.49
C LEU A 42 14.26 10.12 -2.11
N PRO A 43 15.23 9.48 -1.45
CA PRO A 43 15.87 8.28 -1.94
C PRO A 43 14.88 7.12 -1.94
N PRO A 44 15.22 6.00 -2.59
CA PRO A 44 14.30 4.87 -2.73
C PRO A 44 14.00 4.21 -1.39
N GLN A 45 12.82 4.50 -0.86
CA GLN A 45 12.37 3.89 0.38
C GLN A 45 11.91 2.47 0.09
N PRO A 46 11.91 1.61 1.12
CA PRO A 46 11.31 0.30 1.04
C PRO A 46 9.82 0.46 1.27
N LYS A 47 9.03 -0.07 0.33
CA LYS A 47 7.59 0.02 0.43
C LYS A 47 7.11 -0.99 1.46
N LYS A 48 6.72 -0.48 2.64
CA LYS A 48 6.19 -1.31 3.71
C LYS A 48 4.77 -1.74 3.38
N CYS A 49 4.34 -2.83 4.00
CA CYS A 49 2.97 -3.30 3.92
C CYS A 49 2.04 -2.21 4.43
N HIS A 50 1.05 -1.80 3.63
CA HIS A 50 0.07 -0.80 4.01
C HIS A 50 -0.83 -1.31 5.14
N PHE A 51 -0.48 -2.46 5.73
CA PHE A 51 -1.36 -3.16 6.65
C PHE A 51 -0.68 -3.57 7.95
N CYS A 52 0.61 -3.90 7.88
CA CYS A 52 1.39 -4.23 9.08
C CYS A 52 2.74 -3.54 9.09
N GLN A 53 2.98 -2.68 8.10
CA GLN A 53 4.22 -1.94 7.86
C GLN A 53 5.45 -2.84 7.74
N SER A 54 5.26 -4.11 7.35
CA SER A 54 6.37 -5.02 7.12
C SER A 54 6.83 -4.95 5.67
N ILE A 55 8.05 -4.44 5.44
CA ILE A 55 8.67 -4.42 4.11
C ILE A 55 8.94 -5.83 3.59
N SER A 56 8.95 -6.80 4.50
CA SER A 56 9.12 -8.22 4.18
C SER A 56 8.19 -8.62 3.04
N HIS A 57 6.92 -8.21 3.15
CA HIS A 57 5.89 -8.49 2.16
C HIS A 57 5.17 -7.20 1.79
N MET A 58 3.99 -7.34 1.18
CA MET A 58 3.14 -6.22 0.82
C MET A 58 1.75 -6.51 1.36
N VAL A 59 0.90 -5.50 1.49
CA VAL A 59 -0.49 -5.74 1.87
C VAL A 59 -1.11 -6.69 0.89
N ALA A 60 -0.54 -6.75 -0.32
CA ALA A 60 -0.99 -7.63 -1.37
C ALA A 60 -0.86 -9.09 -0.95
N SER A 61 -0.13 -9.31 0.15
CA SER A 61 0.16 -10.64 0.67
C SER A 61 0.18 -10.63 2.19
N CYS A 62 -0.31 -9.56 2.83
CA CYS A 62 -0.22 -9.46 4.28
C CYS A 62 -0.77 -10.74 4.94
N PRO A 63 -0.03 -11.33 5.88
CA PRO A 63 -0.46 -12.51 6.60
C PRO A 63 -1.57 -12.16 7.59
N LEU A 64 -1.74 -10.87 7.90
CA LEU A 64 -2.74 -10.46 8.85
C LEU A 64 -4.09 -10.30 8.16
N LYS A 65 -4.14 -9.58 7.03
CA LYS A 65 -5.41 -9.32 6.38
C LYS A 65 -6.15 -10.60 6.05
N ALA A 66 -5.42 -11.71 5.95
CA ALA A 66 -5.97 -13.01 5.64
C ALA A 66 -6.94 -13.48 6.74
N GLN A 67 -6.93 -12.78 7.87
CA GLN A 67 -7.75 -13.07 9.04
C GLN A 67 -8.26 -11.76 9.65
N GLN A 68 -8.18 -10.65 8.90
CA GLN A 68 -8.61 -9.34 9.39
C GLN A 68 -9.48 -8.62 8.36
N GLY A 69 -9.27 -8.92 7.08
CA GLY A 69 -9.93 -8.25 5.99
C GLY A 69 -9.37 -8.71 4.65
N PRO A 70 -9.69 -9.94 4.22
CA PRO A 70 -9.20 -10.50 2.97
C PRO A 70 -9.70 -9.71 1.76
N SER A 71 -10.59 -8.75 1.99
CA SER A 71 -11.14 -7.87 0.97
C SER A 71 -11.47 -6.53 1.63
N ALA A 72 -11.74 -5.50 0.82
CA ALA A 72 -12.01 -4.17 1.36
C ALA A 72 -12.96 -3.37 0.47
N GLN A 73 -13.45 -3.97 -0.62
CA GLN A 73 -14.36 -3.33 -1.54
C GLN A 73 -15.38 -4.34 -2.08
N GLY A 74 -15.48 -5.51 -1.45
CA GLY A 74 -16.41 -6.55 -1.87
C GLY A 74 -16.07 -7.88 -1.22
N PRO A 12 -3.07 -0.13 12.81
CA PRO A 12 -2.83 -0.73 11.48
C PRO A 12 -3.74 -0.14 10.41
N LYS A 13 -3.70 -0.70 9.20
CA LYS A 13 -4.54 -0.28 8.08
C LYS A 13 -4.92 -1.50 7.27
N GLY A 14 -5.76 -1.32 6.25
CA GLY A 14 -6.18 -2.46 5.43
C GLY A 14 -7.51 -2.22 4.72
N LYS A 15 -7.79 -0.97 4.35
CA LYS A 15 -9.08 -0.56 3.83
C LYS A 15 -8.93 0.34 2.61
N SER A 16 -10.06 0.73 2.03
CA SER A 16 -10.11 1.63 0.89
C SER A 16 -9.19 1.19 -0.24
N MET A 17 -9.45 -0.01 -0.74
CA MET A 17 -8.68 -0.60 -1.83
C MET A 17 -9.61 -1.09 -2.94
N GLN A 18 -9.06 -1.38 -4.13
CA GLN A 18 -9.87 -1.77 -5.27
C GLN A 18 -9.13 -2.75 -6.18
N LYS A 19 -9.74 -3.06 -7.32
CA LYS A 19 -9.18 -3.93 -8.36
C LYS A 19 -9.05 -3.15 -9.67
N ARG A 20 -9.18 -1.82 -9.57
CA ARG A 20 -9.15 -0.87 -10.67
C ARG A 20 -8.45 0.40 -10.18
N ARG A 21 -8.53 1.49 -10.95
CA ARG A 21 -7.89 2.76 -10.64
C ARG A 21 -8.15 3.23 -9.22
N SER A 22 -7.34 4.17 -8.74
CA SER A 22 -7.44 4.69 -7.38
C SER A 22 -7.42 3.56 -6.34
N LYS A 23 -6.68 2.48 -6.63
CA LYS A 23 -6.58 1.31 -5.78
C LYS A 23 -6.09 1.62 -4.36
N GLY A 24 -5.63 2.84 -4.10
CA GLY A 24 -5.17 3.24 -2.78
C GLY A 24 -3.65 3.24 -2.70
N ASP A 25 -2.99 3.07 -3.85
CA ASP A 25 -1.54 3.04 -3.93
C ASP A 25 -0.94 4.41 -3.62
N ARG A 26 0.39 4.47 -3.56
CA ARG A 26 1.13 5.69 -3.25
C ARG A 26 2.43 5.73 -4.04
N CYS A 27 3.15 6.84 -3.95
CA CYS A 27 4.48 7.03 -4.53
C CYS A 27 5.30 5.76 -4.30
N TYR A 28 5.71 5.14 -5.41
CA TYR A 28 6.46 3.90 -5.39
C TYR A 28 7.91 4.12 -4.97
N ASN A 29 8.24 5.32 -4.50
CA ASN A 29 9.59 5.63 -4.07
C ASN A 29 9.64 6.02 -2.60
N CYS A 30 8.58 6.59 -2.03
CA CYS A 30 8.57 6.96 -0.62
C CYS A 30 7.39 6.33 0.12
N GLY A 31 6.21 6.39 -0.51
CA GLY A 31 4.98 5.92 0.11
C GLY A 31 4.08 7.10 0.46
N GLY A 32 4.17 8.20 -0.29
CA GLY A 32 3.33 9.38 -0.11
C GLY A 32 2.27 9.46 -1.19
N LEU A 33 1.26 10.31 -1.02
CA LEU A 33 0.08 10.29 -1.89
C LEU A 33 -0.09 11.58 -2.68
N ASP A 34 0.40 12.69 -2.13
CA ASP A 34 0.28 14.00 -2.77
C ASP A 34 1.18 14.09 -4.01
N HIS A 35 1.92 13.02 -4.30
CA HIS A 35 2.86 12.96 -5.40
C HIS A 35 3.05 11.51 -5.85
N HIS A 36 4.01 11.29 -6.77
CA HIS A 36 4.33 9.96 -7.28
C HIS A 36 5.84 9.78 -7.30
N ALA A 37 6.30 8.55 -7.57
CA ALA A 37 7.71 8.20 -7.49
C ALA A 37 8.59 9.07 -8.39
N LYS A 38 8.01 9.58 -9.48
CA LYS A 38 8.71 10.43 -10.43
C LYS A 38 8.76 11.88 -9.96
N GLU A 39 8.02 12.20 -8.92
CA GLU A 39 8.00 13.51 -8.29
C GLU A 39 8.62 13.49 -6.90
N CYS A 40 8.99 12.30 -6.43
CA CYS A 40 9.56 12.10 -5.10
C CYS A 40 10.86 12.88 -4.94
N LYS A 41 11.31 13.05 -3.68
CA LYS A 41 12.46 13.87 -3.35
C LYS A 41 13.45 13.19 -2.42
N LEU A 42 13.21 11.93 -2.08
CA LEU A 42 14.12 11.11 -1.29
C LEU A 42 14.56 9.90 -2.11
N PRO A 43 15.61 9.17 -1.68
CA PRO A 43 16.10 7.99 -2.36
C PRO A 43 15.04 6.88 -2.28
N PRO A 44 15.18 5.79 -3.08
CA PRO A 44 14.15 4.77 -3.17
C PRO A 44 13.96 4.03 -1.86
N GLN A 45 12.88 4.36 -1.15
CA GLN A 45 12.51 3.74 0.11
C GLN A 45 11.84 2.40 -0.13
N PRO A 46 11.80 1.54 0.89
CA PRO A 46 11.00 0.36 0.89
C PRO A 46 9.57 0.78 1.18
N LYS A 47 8.65 0.44 0.28
CA LYS A 47 7.28 0.95 0.30
C LYS A 47 6.35 0.29 1.31
N LYS A 48 6.86 -0.66 2.09
CA LYS A 48 6.16 -1.38 3.15
C LYS A 48 4.80 -1.95 2.76
N CYS A 49 4.25 -2.75 3.66
CA CYS A 49 2.90 -3.29 3.54
C CYS A 49 1.88 -2.21 3.92
N HIS A 50 0.89 -1.97 3.07
CA HIS A 50 -0.18 -1.02 3.34
C HIS A 50 -1.11 -1.51 4.45
N PHE A 51 -0.68 -2.52 5.21
CA PHE A 51 -1.55 -3.16 6.19
C PHE A 51 -0.87 -3.28 7.55
N CYS A 52 0.41 -3.62 7.55
CA CYS A 52 1.19 -3.79 8.77
C CYS A 52 2.52 -3.05 8.69
N GLN A 53 2.71 -2.29 7.61
CA GLN A 53 3.91 -1.54 7.30
C GLN A 53 5.17 -2.40 7.31
N SER A 54 5.03 -3.72 7.11
CA SER A 54 6.16 -4.63 7.05
C SER A 54 6.73 -4.67 5.65
N ILE A 55 7.96 -4.17 5.47
CA ILE A 55 8.69 -4.24 4.20
C ILE A 55 9.01 -5.68 3.79
N SER A 56 8.92 -6.59 4.76
CA SER A 56 9.10 -8.02 4.55
C SER A 56 8.24 -8.50 3.38
N HIS A 57 6.96 -8.08 3.35
CA HIS A 57 6.00 -8.48 2.34
C HIS A 57 5.21 -7.26 1.86
N MET A 58 4.09 -7.51 1.17
CA MET A 58 3.19 -6.47 0.70
C MET A 58 1.80 -6.77 1.26
N VAL A 59 0.91 -5.78 1.29
CA VAL A 59 -0.47 -6.02 1.66
C VAL A 59 -1.07 -7.04 0.74
N ALA A 60 -0.48 -7.17 -0.46
CA ALA A 60 -0.92 -8.14 -1.44
C ALA A 60 -0.72 -9.55 -0.92
N SER A 61 0.03 -9.68 0.18
CA SER A 61 0.40 -10.92 0.79
C SER A 61 0.45 -10.77 2.32
N CYS A 62 -0.15 -9.72 2.89
CA CYS A 62 -0.09 -9.54 4.33
C CYS A 62 -0.57 -10.80 5.05
N PRO A 63 0.17 -11.27 6.05
CA PRO A 63 -0.20 -12.42 6.86
C PRO A 63 -1.33 -12.07 7.82
N LEU A 64 -1.59 -10.77 8.05
CA LEU A 64 -2.63 -10.36 8.97
C LEU A 64 -3.97 -10.39 8.28
N LYS A 65 -4.11 -9.68 7.14
CA LYS A 65 -5.37 -9.54 6.44
C LYS A 65 -6.01 -10.88 6.15
N ALA A 66 -5.21 -11.95 6.15
CA ALA A 66 -5.68 -13.29 5.88
C ALA A 66 -6.80 -13.69 6.84
N GLN A 67 -6.87 -13.01 7.98
CA GLN A 67 -7.91 -13.24 8.98
C GLN A 67 -8.39 -11.94 9.61
N GLN A 68 -8.11 -10.80 8.95
CA GLN A 68 -8.56 -9.49 9.41
C GLN A 68 -9.43 -8.82 8.37
N GLY A 69 -9.26 -9.21 7.09
CA GLY A 69 -10.00 -8.63 5.99
C GLY A 69 -9.55 -9.24 4.67
N PRO A 70 -9.73 -10.55 4.48
CA PRO A 70 -9.32 -11.27 3.28
C PRO A 70 -10.15 -10.86 2.06
N SER A 71 -11.13 -9.98 2.24
CA SER A 71 -11.95 -9.46 1.17
C SER A 71 -11.14 -8.56 0.24
N ALA A 72 -11.72 -8.17 -0.90
CA ALA A 72 -11.04 -7.31 -1.87
C ALA A 72 -12.04 -6.45 -2.64
N GLN A 73 -13.34 -6.56 -2.32
CA GLN A 73 -14.38 -5.80 -3.00
C GLN A 73 -15.41 -5.30 -1.99
N GLY A 74 -16.21 -4.32 -2.39
CA GLY A 74 -17.26 -3.75 -1.56
C GLY A 74 -17.87 -2.52 -2.23
#